data_6PAV
#
_entry.id   6PAV
#
_cell.length_a   92.361
_cell.length_b   58.217
_cell.length_c   154.035
_cell.angle_alpha   90.00
_cell.angle_beta   90.66
_cell.angle_gamma   90.00
#
_symmetry.space_group_name_H-M   'C 1 2 1'
#
loop_
_entity.id
_entity.type
_entity.pdbx_description
1 polymer 'Glycylpeptide N-tetradecanoyltransferase 1'
2 polymer 'acetyl-Arf6 peptide'
3 polymer 'ARF6 peptide'
4 non-polymer 'COENZYME A'
5 non-polymer GLYCEROL
6 non-polymer 'MYRISTIC ACID'
7 water water
#
loop_
_entity_poly.entity_id
_entity_poly.type
_entity_poly.pdbx_seq_one_letter_code
_entity_poly.pdbx_strand_id
1 'polypeptide(L)'
;MEEASKRSYQFWDTQPVPKLGEVVNTHGPVEPDKDNIRQEPYTLPQGFTWDALDLGDRGVLKELYTLLNENYVEDDDNMF
RFDYSPEFLLWALRPPGWLPQWHCGVRVVSSRKLVGFISAIPANIHIYDTEKKMVEINFLCVHKKLRSKRVAPVLIREIT
RRVHLEGIFQAVYTAGVVLPKPVGTCRYWHRSLNPRKLIEVKFSHLSRNMTMQRTMKLYRLPETPKTAGLRPMETKDIPV
VHQLLTRYLKQFHLTPVMSQEEVEHWFYPQENIIDTFVVENANGEVTDFLSFYTLPSTIMNHPTHKSLKAAYSFYNVHTQ
TPLLDLMSDALVLAKMKGFDVFNALDLMENKTFLEKLKFGIGDGNLQYYLYNWKCPSMGAEKVGLVLQ
;
B,A
2 'polypeptide(L)' (ACE)KVLSKIF D
3 'polypeptide(L)' GKVLSKIF C
#
# COMPACT_ATOMS: atom_id res chain seq x y z
N TYR A 9 -3.38 -15.96 29.18
CA TYR A 9 -4.22 -14.75 29.25
C TYR A 9 -5.55 -15.05 28.51
N GLN A 10 -6.71 -14.68 29.10
CA GLN A 10 -8.00 -15.10 28.54
C GLN A 10 -8.19 -14.61 27.10
N PHE A 11 -7.76 -13.37 26.80
CA PHE A 11 -7.86 -12.83 25.45
C PHE A 11 -6.72 -13.33 24.55
N TRP A 12 -5.47 -13.33 25.02
CA TRP A 12 -4.39 -13.66 24.08
C TRP A 12 -4.18 -15.15 23.82
N ASP A 13 -4.75 -16.05 24.62
CA ASP A 13 -4.67 -17.46 24.26
C ASP A 13 -5.51 -17.75 23.01
N THR A 14 -6.32 -16.77 22.59
CA THR A 14 -7.15 -16.90 21.39
C THR A 14 -6.51 -16.30 20.15
N GLN A 15 -5.43 -15.59 20.32
CA GLN A 15 -4.85 -14.86 19.21
C GLN A 15 -3.65 -15.59 18.66
N PRO A 16 -3.30 -15.32 17.41
CA PRO A 16 -2.11 -15.94 16.79
C PRO A 16 -0.80 -15.33 17.26
N VAL A 17 -0.50 -15.51 18.54
CA VAL A 17 0.76 -15.10 19.16
C VAL A 17 1.32 -16.30 19.89
N PRO A 18 2.63 -16.33 20.13
CA PRO A 18 3.21 -17.45 20.88
C PRO A 18 2.94 -17.26 22.37
N LYS A 19 3.15 -18.30 23.15
CA LYS A 19 2.82 -18.17 24.57
C LYS A 19 3.99 -17.55 25.33
N LEU A 20 3.73 -16.94 26.48
CA LEU A 20 4.86 -16.52 27.32
C LEU A 20 5.67 -17.76 27.65
N GLY A 21 6.98 -17.72 27.46
CA GLY A 21 7.77 -18.83 27.92
C GLY A 21 8.05 -19.93 26.91
N GLU A 22 7.16 -20.15 25.95
CA GLU A 22 7.51 -21.08 24.87
C GLU A 22 8.66 -20.36 24.16
N VAL A 23 9.87 -20.93 24.11
CA VAL A 23 10.92 -20.29 23.32
C VAL A 23 10.75 -20.75 21.86
N VAL A 24 11.02 -19.86 20.88
CA VAL A 24 10.74 -20.14 19.47
C VAL A 24 12.05 -20.31 18.69
N ASN A 25 12.09 -21.32 17.77
CA ASN A 25 13.24 -21.56 16.91
C ASN A 25 12.88 -21.59 15.42
N THR A 26 11.63 -21.33 15.07
CA THR A 26 11.23 -21.23 13.68
C THR A 26 10.96 -19.74 13.40
N HIS A 27 10.85 -19.41 12.13
CA HIS A 27 10.56 -18.07 11.76
C HIS A 27 9.41 -18.11 10.86
N GLY A 28 8.32 -17.42 11.13
CA GLY A 28 7.21 -17.46 10.24
C GLY A 28 5.90 -17.17 10.87
N PRO A 29 4.81 -17.30 10.15
CA PRO A 29 3.52 -16.98 10.73
C PRO A 29 2.88 -18.06 11.60
N VAL A 30 1.92 -17.65 12.36
CA VAL A 30 1.24 -18.60 13.24
C VAL A 30 0.03 -19.23 12.55
N GLU A 31 -0.81 -18.42 11.93
CA GLU A 31 -2.01 -18.91 11.26
C GLU A 31 -1.99 -18.42 9.81
N PRO A 32 -2.60 -19.18 8.90
CA PRO A 32 -2.44 -18.89 7.48
C PRO A 32 -3.12 -17.59 7.10
N ASP A 33 -2.74 -17.09 5.93
CA ASP A 33 -3.45 -15.93 5.40
C ASP A 33 -4.88 -16.30 5.08
N LYS A 34 -5.75 -15.33 5.26
CA LYS A 34 -7.18 -15.59 5.23
C LYS A 34 -7.72 -15.52 3.82
N ASP A 35 -8.33 -16.61 3.41
CA ASP A 35 -8.98 -16.75 2.14
C ASP A 35 -10.35 -16.16 2.14
N ASN A 36 -10.97 -16.05 3.31
CA ASN A 36 -12.25 -15.37 3.42
C ASN A 36 -12.23 -14.72 4.78
N ILE A 37 -12.84 -13.57 4.85
CA ILE A 37 -12.76 -12.71 6.02
C ILE A 37 -14.18 -12.25 6.34
N ARG A 38 -14.47 -12.14 7.62
CA ARG A 38 -15.74 -11.62 8.08
C ARG A 38 -16.15 -10.30 7.41
N GLN A 39 -17.41 -10.21 6.91
CA GLN A 39 -17.85 -8.96 6.26
C GLN A 39 -18.50 -7.97 7.25
N GLU A 40 -18.86 -8.43 8.38
CA GLU A 40 -19.63 -7.62 9.29
C GLU A 40 -18.78 -7.19 10.45
N PRO A 41 -18.92 -5.95 10.92
CA PRO A 41 -18.17 -5.58 12.12
C PRO A 41 -18.57 -6.35 13.35
N TYR A 42 -17.63 -6.47 14.25
CA TYR A 42 -17.87 -7.11 15.52
C TYR A 42 -18.92 -6.35 16.31
N THR A 43 -19.56 -7.07 17.21
CA THR A 43 -20.70 -6.53 17.92
C THR A 43 -20.21 -5.69 19.11
N LEU A 44 -20.72 -4.49 19.21
CA LEU A 44 -20.41 -3.64 20.33
C LEU A 44 -21.45 -3.72 21.43
N PRO A 45 -21.07 -3.36 22.65
CA PRO A 45 -22.07 -3.31 23.71
C PRO A 45 -23.21 -2.39 23.30
N GLN A 46 -24.39 -2.71 23.81
CA GLN A 46 -25.59 -2.03 23.37
C GLN A 46 -25.46 -0.53 23.61
N GLY A 47 -25.81 0.25 22.59
CA GLY A 47 -25.83 1.68 22.68
C GLY A 47 -24.65 2.36 22.04
N PHE A 48 -23.72 1.60 21.48
CA PHE A 48 -22.53 2.16 20.88
C PHE A 48 -22.39 1.67 19.45
N THR A 49 -21.80 2.52 18.62
CA THR A 49 -21.61 2.21 17.21
C THR A 49 -20.17 2.50 16.81
N TRP A 50 -19.76 1.88 15.71
CA TRP A 50 -18.48 2.16 15.12
C TRP A 50 -18.55 3.43 14.28
N ASP A 51 -17.43 4.14 14.21
CA ASP A 51 -17.31 5.27 13.29
C ASP A 51 -15.86 5.45 12.90
N ALA A 52 -15.62 5.52 11.60
CA ALA A 52 -14.31 5.86 11.07
C ALA A 52 -14.16 7.37 11.13
N LEU A 53 -13.12 7.84 11.81
CA LEU A 53 -12.91 9.25 12.02
C LEU A 53 -12.22 9.85 10.82
N ASP A 54 -12.80 10.92 10.27
CA ASP A 54 -12.14 11.65 9.18
C ASP A 54 -11.27 12.73 9.79
N LEU A 55 -9.96 12.48 9.86
CA LEU A 55 -9.11 13.45 10.55
C LEU A 55 -8.90 14.72 9.74
N GLY A 56 -9.22 14.73 8.44
CA GLY A 56 -9.24 15.97 7.70
C GLY A 56 -10.30 16.93 8.19
N ASP A 57 -11.39 16.41 8.73
CA ASP A 57 -12.39 17.25 9.36
C ASP A 57 -11.83 17.68 10.72
N ARG A 58 -11.63 18.99 10.88
CA ARG A 58 -10.99 19.50 12.09
C ARG A 58 -11.81 19.23 13.36
N GLY A 59 -13.14 19.18 13.25
CA GLY A 59 -13.94 18.86 14.42
C GLY A 59 -13.71 17.44 14.89
N VAL A 60 -13.62 16.50 13.95
CA VAL A 60 -13.34 15.11 14.30
C VAL A 60 -11.93 14.99 14.84
N LEU A 61 -10.99 15.67 14.20
CA LEU A 61 -9.62 15.69 14.69
C LEU A 61 -9.57 16.23 16.11
N LYS A 62 -10.34 17.28 16.37
CA LYS A 62 -10.41 17.85 17.70
C LYS A 62 -10.96 16.81 18.67
N GLU A 63 -12.02 16.14 18.27
CA GLU A 63 -12.66 15.13 19.10
C GLU A 63 -11.66 14.07 19.53
N LEU A 64 -10.91 13.58 18.56
CA LEU A 64 -9.88 12.58 18.81
C LEU A 64 -8.79 13.12 19.73
N TYR A 65 -8.45 14.40 19.59
CA TYR A 65 -7.47 14.97 20.49
C TYR A 65 -7.99 14.97 21.94
N THR A 66 -9.24 15.34 22.14
CA THR A 66 -9.83 15.39 23.49
C THR A 66 -9.97 14.01 24.11
N LEU A 67 -10.39 13.02 23.34
CA LEU A 67 -10.50 11.68 23.88
C LEU A 67 -9.16 11.21 24.43
N LEU A 68 -8.09 11.41 23.67
CA LEU A 68 -6.78 10.97 24.15
C LEU A 68 -6.30 11.83 25.31
N ASN A 69 -6.56 13.13 25.23
CA ASN A 69 -6.12 14.07 26.25
C ASN A 69 -6.73 13.77 27.61
N GLU A 70 -7.96 13.26 27.61
CA GLU A 70 -8.62 12.95 28.87
C GLU A 70 -8.52 11.47 29.26
N ASN A 71 -8.28 10.55 28.31
CA ASN A 71 -8.32 9.14 28.65
C ASN A 71 -7.12 8.28 28.23
N TYR A 72 -6.01 8.83 27.77
CA TYR A 72 -4.93 7.97 27.27
C TYR A 72 -3.91 7.67 28.39
N VAL A 73 -2.74 7.14 27.99
CA VAL A 73 -1.83 6.48 28.92
C VAL A 73 -1.38 7.47 29.98
N GLU A 74 -1.35 7.02 31.23
CA GLU A 74 -0.81 7.80 32.34
C GLU A 74 0.45 7.12 32.84
N ASP A 75 1.25 7.85 33.62
CA ASP A 75 2.44 7.21 34.14
C ASP A 75 2.08 6.26 35.29
N ASP A 76 3.11 5.57 35.74
CA ASP A 76 3.01 4.53 36.76
C ASP A 76 2.21 4.96 37.97
N ASP A 77 2.42 6.19 38.44
CA ASP A 77 1.76 6.68 39.64
C ASP A 77 0.66 7.68 39.33
N ASN A 78 0.13 7.64 38.10
CA ASN A 78 -1.04 8.42 37.68
C ASN A 78 -0.93 9.93 37.94
N MET A 79 0.23 10.51 37.70
CA MET A 79 0.45 11.95 37.87
C MET A 79 0.58 12.71 36.55
N PHE A 80 0.87 12.02 35.45
CA PHE A 80 1.10 12.65 34.15
C PHE A 80 0.28 11.96 33.07
N ARG A 81 -0.13 12.68 32.04
CA ARG A 81 -0.85 12.05 30.95
C ARG A 81 -0.41 12.61 29.60
N PHE A 82 -0.27 11.74 28.61
CA PHE A 82 0.12 12.21 27.28
C PHE A 82 -0.80 13.32 26.79
N ASP A 83 -0.21 14.27 26.06
CA ASP A 83 -0.96 15.34 25.41
C ASP A 83 -0.49 15.41 23.96
N TYR A 84 -0.78 14.36 23.20
CA TYR A 84 -0.49 14.38 21.76
C TYR A 84 -1.21 15.55 21.13
N SER A 85 -0.53 16.23 20.26
CA SER A 85 -1.28 17.33 19.67
C SER A 85 -2.06 16.86 18.46
N PRO A 86 -3.04 17.67 18.05
CA PRO A 86 -3.76 17.37 16.80
C PRO A 86 -2.82 17.22 15.64
N GLU A 87 -1.91 18.18 15.49
CA GLU A 87 -0.97 18.15 14.37
C GLU A 87 -0.04 16.95 14.54
N PHE A 88 0.35 16.67 15.77
CA PHE A 88 1.09 15.44 16.01
C PHE A 88 0.25 14.24 15.60
N LEU A 89 -1.04 14.24 15.93
CA LEU A 89 -1.87 13.09 15.60
C LEU A 89 -2.02 12.91 14.09
N LEU A 90 -2.10 14.01 13.34
CA LEU A 90 -2.13 13.92 11.89
C LEU A 90 -0.83 13.39 11.31
N TRP A 91 0.30 13.80 11.87
CA TRP A 91 1.58 13.24 11.42
C TRP A 91 1.65 11.75 11.74
N ALA A 92 1.16 11.34 12.92
CA ALA A 92 1.27 9.93 13.30
C ALA A 92 0.21 9.05 12.62
N LEU A 93 -0.96 9.59 12.28
CA LEU A 93 -2.08 8.79 11.81
C LEU A 93 -2.34 8.95 10.31
N ARG A 94 -1.60 9.81 9.63
CA ARG A 94 -1.83 9.98 8.21
C ARG A 94 -0.53 9.88 7.40
N PRO A 95 0.35 8.94 7.70
CA PRO A 95 1.52 8.80 6.89
C PRO A 95 1.14 8.27 5.51
N PRO A 96 2.09 8.22 4.58
CA PRO A 96 1.79 7.65 3.26
C PRO A 96 1.12 6.30 3.41
N GLY A 97 0.06 6.05 2.63
CA GLY A 97 -0.68 4.81 2.70
C GLY A 97 -1.77 4.70 3.75
N TRP A 98 -2.14 5.77 4.45
CA TRP A 98 -3.17 5.64 5.50
C TRP A 98 -4.56 5.38 4.91
N LEU A 99 -5.44 4.77 5.72
CA LEU A 99 -6.82 4.44 5.32
C LEU A 99 -7.82 4.96 6.37
N PRO A 100 -8.85 5.70 5.96
CA PRO A 100 -9.83 6.19 6.96
C PRO A 100 -10.50 5.09 7.75
N GLN A 101 -10.63 3.88 7.20
CA GLN A 101 -11.17 2.78 7.98
C GLN A 101 -10.22 2.38 9.11
N TRP A 102 -8.92 2.64 8.97
CA TRP A 102 -8.00 2.28 10.05
C TRP A 102 -7.93 3.30 11.16
N HIS A 103 -8.75 4.36 11.12
CA HIS A 103 -8.88 5.26 12.26
C HIS A 103 -10.21 4.93 12.95
N CYS A 104 -10.22 3.82 13.69
CA CYS A 104 -11.46 3.16 14.10
C CYS A 104 -11.88 3.65 15.49
N GLY A 105 -12.89 4.54 15.54
CA GLY A 105 -13.40 5.05 16.79
C GLY A 105 -14.74 4.43 17.17
N VAL A 106 -15.07 4.53 18.45
CA VAL A 106 -16.33 4.04 18.99
C VAL A 106 -17.09 5.21 19.59
N ARG A 107 -18.37 5.37 19.22
CA ARG A 107 -19.22 6.44 19.69
C ARG A 107 -20.46 6.00 20.43
N VAL A 108 -20.91 6.91 21.30
CA VAL A 108 -22.20 6.83 21.97
C VAL A 108 -23.27 7.21 20.94
N VAL A 109 -24.22 6.30 20.74
CA VAL A 109 -25.20 6.51 19.69
C VAL A 109 -26.04 7.74 19.98
N SER A 110 -26.47 7.88 21.24
CA SER A 110 -27.37 8.98 21.56
C SER A 110 -26.74 10.30 21.18
N SER A 111 -25.58 10.59 21.75
CA SER A 111 -24.93 11.87 21.62
C SER A 111 -23.83 11.91 20.58
N ARG A 112 -23.41 10.76 20.02
CA ARG A 112 -22.29 10.69 19.09
C ARG A 112 -20.97 11.04 19.77
N LYS A 113 -20.96 11.11 21.10
CA LYS A 113 -19.74 11.29 21.86
C LYS A 113 -18.75 10.16 21.64
N LEU A 114 -17.50 10.52 21.37
CA LEU A 114 -16.45 9.54 21.11
C LEU A 114 -15.93 8.95 22.42
N VAL A 115 -15.93 7.62 22.52
CA VAL A 115 -15.51 6.93 23.74
C VAL A 115 -14.51 5.83 23.47
N GLY A 116 -14.10 5.62 22.22
CA GLY A 116 -13.10 4.61 21.94
C GLY A 116 -12.32 4.94 20.68
N PHE A 117 -11.12 4.40 20.60
CA PHE A 117 -10.33 4.57 19.38
C PHE A 117 -9.25 3.51 19.34
N ILE A 118 -8.88 3.15 18.12
CA ILE A 118 -7.68 2.34 17.89
C ILE A 118 -7.30 2.57 16.44
N SER A 119 -6.00 2.55 16.14
CA SER A 119 -5.61 2.82 14.77
C SER A 119 -4.57 1.83 14.27
N ALA A 120 -4.53 1.72 12.95
CA ALA A 120 -3.49 1.00 12.24
C ALA A 120 -2.95 1.88 11.11
N ILE A 121 -1.64 1.80 10.90
CA ILE A 121 -1.01 2.44 9.74
C ILE A 121 -0.14 1.41 9.03
N PRO A 122 -0.05 1.45 7.70
CA PRO A 122 0.72 0.43 6.98
C PRO A 122 2.21 0.69 7.18
N ALA A 123 3.01 -0.38 7.14
CA ALA A 123 4.45 -0.20 7.29
C ALA A 123 5.19 -1.45 6.83
N ASN A 124 6.19 -1.28 5.96
CA ASN A 124 7.04 -2.42 5.60
C ASN A 124 7.96 -2.71 6.79
N ILE A 125 7.92 -3.95 7.29
CA ILE A 125 8.72 -4.30 8.45
C ILE A 125 9.73 -5.36 8.04
N HIS A 126 10.98 -5.18 8.50
CA HIS A 126 12.05 -6.15 8.33
C HIS A 126 12.37 -6.78 9.69
N ILE A 127 12.28 -8.11 9.74
CA ILE A 127 12.51 -8.91 10.94
C ILE A 127 13.42 -10.07 10.55
N TYR A 128 14.60 -10.15 11.18
CA TYR A 128 15.58 -11.21 10.84
C TYR A 128 15.83 -11.23 9.33
N ASP A 129 15.40 -12.25 8.59
CA ASP A 129 15.68 -12.28 7.16
C ASP A 129 14.43 -12.06 6.31
N THR A 130 13.36 -11.54 6.89
CA THR A 130 12.12 -11.41 6.17
C THR A 130 11.66 -9.96 6.16
N GLU A 131 11.21 -9.50 4.99
CA GLU A 131 10.48 -8.25 4.84
C GLU A 131 9.02 -8.59 4.52
N LYS A 132 8.09 -8.12 5.34
CA LYS A 132 6.68 -8.36 4.99
C LYS A 132 5.89 -7.07 5.28
N LYS A 133 4.92 -6.79 4.43
CA LYS A 133 4.00 -5.67 4.66
C LYS A 133 3.22 -5.91 5.94
N MET A 134 3.31 -4.99 6.89
CA MET A 134 2.58 -5.16 8.14
C MET A 134 1.78 -3.91 8.43
N VAL A 135 1.18 -3.88 9.60
CA VAL A 135 0.57 -2.67 10.12
C VAL A 135 1.10 -2.41 11.53
N GLU A 136 1.18 -1.14 11.88
CA GLU A 136 1.53 -0.67 13.21
C GLU A 136 0.25 -0.26 13.89
N ILE A 137 0.06 -0.69 15.13
CA ILE A 137 -1.15 -0.45 15.89
C ILE A 137 -0.80 0.52 17.00
N ASN A 138 -1.62 1.58 17.18
CA ASN A 138 -1.32 2.60 18.21
C ASN A 138 -2.61 3.26 18.71
N PHE A 139 -2.50 3.98 19.83
CA PHE A 139 -3.62 4.78 20.41
C PHE A 139 -4.84 3.93 20.76
N LEU A 140 -4.67 2.69 21.21
CA LEU A 140 -5.81 2.00 21.79
C LEU A 140 -6.25 2.77 23.01
N CYS A 141 -7.48 3.29 22.97
CA CYS A 141 -7.97 4.14 24.05
C CYS A 141 -9.44 3.84 24.29
N VAL A 142 -9.78 3.59 25.55
CA VAL A 142 -11.16 3.39 26.00
C VAL A 142 -11.48 4.44 27.04
N HIS A 143 -12.61 5.13 26.85
CA HIS A 143 -13.01 6.15 27.81
C HIS A 143 -13.00 5.56 29.22
N LYS A 144 -12.51 6.34 30.18
CA LYS A 144 -12.39 5.85 31.56
C LYS A 144 -13.70 5.26 32.05
N LYS A 145 -14.84 5.85 31.68
CA LYS A 145 -16.11 5.34 32.11
C LYS A 145 -16.41 3.99 31.53
N LEU A 146 -15.72 3.63 30.44
CA LEU A 146 -15.98 2.36 29.79
C LEU A 146 -14.85 1.36 30.03
N ARG A 147 -14.07 1.50 31.11
CA ARG A 147 -12.98 0.54 31.31
C ARG A 147 -13.51 -0.77 31.96
N SER A 148 -12.77 -1.86 31.71
CA SER A 148 -13.13 -3.25 32.11
C SER A 148 -14.57 -3.67 31.79
N LYS A 149 -15.20 -3.04 30.77
CA LYS A 149 -16.50 -3.46 30.23
C LYS A 149 -16.28 -4.27 28.94
N ARG A 150 -15.10 -4.86 28.81
CA ARG A 150 -14.67 -5.74 27.73
C ARG A 150 -14.65 -5.06 26.37
N VAL A 151 -14.42 -3.75 26.31
CA VAL A 151 -14.40 -3.14 24.98
C VAL A 151 -13.05 -3.21 24.25
N ALA A 152 -11.95 -3.29 24.96
CA ALA A 152 -10.68 -3.26 24.21
C ALA A 152 -10.51 -4.43 23.28
N PRO A 153 -10.81 -5.69 23.58
CA PRO A 153 -10.63 -6.70 22.56
C PRO A 153 -11.59 -6.47 21.43
N VAL A 154 -12.77 -5.90 21.68
CA VAL A 154 -13.66 -5.66 20.56
C VAL A 154 -12.97 -4.75 19.58
N LEU A 155 -12.30 -3.71 20.10
CA LEU A 155 -11.48 -2.84 19.27
C LEU A 155 -10.42 -3.63 18.53
N ILE A 156 -9.72 -4.51 19.25
CA ILE A 156 -8.62 -5.26 18.65
C ILE A 156 -9.13 -6.19 17.55
N ARG A 157 -10.25 -6.89 17.81
CA ARG A 157 -10.79 -7.81 16.82
C ARG A 157 -11.28 -7.03 15.60
N GLU A 158 -11.83 -5.87 15.78
CA GLU A 158 -12.30 -5.06 14.71
C GLU A 158 -11.15 -4.45 13.88
N ILE A 159 -10.12 -3.94 14.52
CA ILE A 159 -9.00 -3.45 13.75
C ILE A 159 -8.31 -4.60 13.03
N THR A 160 -8.19 -5.76 13.68
CA THR A 160 -7.61 -6.91 13.00
C THR A 160 -8.43 -7.27 11.77
N ARG A 161 -9.74 -7.21 11.86
CA ARG A 161 -10.54 -7.54 10.75
C ARG A 161 -10.39 -6.55 9.60
N ARG A 162 -10.38 -5.28 9.92
CA ARG A 162 -10.23 -4.26 8.88
C ARG A 162 -8.88 -4.31 8.21
N VAL A 163 -7.84 -4.68 8.95
CA VAL A 163 -6.54 -4.87 8.32
C VAL A 163 -6.59 -6.10 7.42
N HIS A 164 -7.20 -7.18 7.92
CA HIS A 164 -7.38 -8.40 7.14
C HIS A 164 -8.08 -8.16 5.81
N LEU A 165 -9.03 -7.22 5.78
CA LEU A 165 -9.73 -6.96 4.53
C LEU A 165 -8.81 -6.37 3.46
N GLU A 166 -7.79 -5.62 3.87
CA GLU A 166 -6.82 -5.03 2.96
C GLU A 166 -5.67 -5.97 2.66
N GLY A 167 -5.74 -7.20 3.18
CA GLY A 167 -4.81 -8.25 2.82
C GLY A 167 -3.56 -8.34 3.65
N ILE A 168 -3.50 -7.69 4.81
CA ILE A 168 -2.29 -7.70 5.65
C ILE A 168 -2.59 -8.56 6.88
N PHE A 169 -1.66 -9.45 7.21
CA PHE A 169 -1.91 -10.41 8.27
C PHE A 169 -0.82 -10.38 9.32
N GLN A 170 0.05 -9.38 9.31
CA GLN A 170 1.07 -9.25 10.35
C GLN A 170 1.06 -7.86 10.93
N ALA A 171 1.40 -7.78 12.22
CA ALA A 171 1.40 -6.46 12.82
C ALA A 171 2.55 -6.32 13.81
N VAL A 172 2.85 -5.07 14.11
CA VAL A 172 3.81 -4.72 15.16
C VAL A 172 3.17 -3.61 16.00
N TYR A 173 3.39 -3.67 17.31
CA TYR A 173 2.81 -2.69 18.23
C TYR A 173 3.58 -2.82 19.54
N THR A 174 3.50 -1.77 20.38
CA THR A 174 4.18 -1.81 21.65
C THR A 174 3.20 -1.69 22.81
N ALA A 175 3.69 -1.97 24.01
CA ALA A 175 2.85 -1.78 25.19
C ALA A 175 3.71 -1.68 26.44
N GLY A 176 3.20 -0.94 27.43
CA GLY A 176 3.87 -0.88 28.72
C GLY A 176 3.70 -2.09 29.59
N VAL A 177 2.81 -3.01 29.20
CA VAL A 177 2.47 -4.18 30.01
C VAL A 177 3.05 -5.41 29.34
N VAL A 178 3.32 -6.44 30.15
CA VAL A 178 3.80 -7.70 29.59
C VAL A 178 2.61 -8.45 29.01
N LEU A 179 2.69 -8.75 27.74
CA LEU A 179 1.68 -9.59 27.09
C LEU A 179 2.38 -10.82 26.52
N PRO A 180 1.65 -11.77 25.96
CA PRO A 180 2.26 -12.85 25.20
C PRO A 180 2.53 -12.40 23.75
N LYS A 181 3.75 -12.61 23.20
CA LYS A 181 5.06 -12.79 23.84
C LYS A 181 6.01 -11.71 23.25
N PRO A 182 6.61 -10.90 24.11
CA PRO A 182 7.49 -9.85 23.61
C PRO A 182 8.55 -10.35 22.66
N VAL A 183 8.68 -9.68 21.53
CA VAL A 183 9.84 -9.95 20.69
C VAL A 183 11.07 -9.21 21.22
N GLY A 184 10.87 -8.15 22.01
CA GLY A 184 11.97 -7.46 22.68
C GLY A 184 11.43 -6.53 23.75
N THR A 185 12.29 -6.26 24.73
CA THR A 185 11.94 -5.38 25.85
C THR A 185 12.91 -4.20 25.88
N CYS A 186 12.38 -2.99 25.87
CA CYS A 186 13.22 -1.81 26.00
C CYS A 186 12.90 -1.07 27.29
N ARG A 187 13.79 -0.13 27.58
CA ARG A 187 13.72 0.63 28.82
C ARG A 187 13.90 2.10 28.50
N TYR A 188 13.01 2.93 29.04
CA TYR A 188 13.10 4.37 28.89
C TYR A 188 14.06 4.99 29.90
N TRP A 189 14.92 5.89 29.41
CA TRP A 189 15.80 6.71 30.20
C TRP A 189 15.41 8.16 29.92
N HIS A 190 15.57 9.03 30.92
CA HIS A 190 15.17 10.41 30.81
C HIS A 190 16.30 11.31 31.24
N ARG A 191 16.58 12.30 30.43
CA ARG A 191 17.67 13.27 30.64
C ARG A 191 17.00 14.57 31.02
N SER A 192 17.41 15.17 32.11
CA SER A 192 16.74 16.39 32.52
C SER A 192 17.30 17.56 31.74
N LEU A 193 16.45 18.51 31.37
CA LEU A 193 16.94 19.76 30.78
C LEU A 193 16.67 20.93 31.70
N ASN A 194 15.46 20.98 32.28
CA ASN A 194 15.04 21.92 33.29
C ASN A 194 14.84 21.10 34.58
N PRO A 195 15.90 20.74 35.31
CA PRO A 195 15.70 19.86 36.48
C PRO A 195 14.81 20.51 37.52
N ARG A 196 14.84 21.85 37.59
CA ARG A 196 13.99 22.59 38.52
C ARG A 196 12.53 22.17 38.35
N LYS A 197 12.01 22.30 37.13
CA LYS A 197 10.61 21.97 36.89
C LYS A 197 10.31 20.48 37.04
N LEU A 198 11.20 19.62 36.58
CA LEU A 198 10.91 18.20 36.68
C LEU A 198 10.79 17.78 38.14
N ILE A 199 11.68 18.32 38.96
CA ILE A 199 11.68 18.02 40.38
C ILE A 199 10.51 18.71 41.07
N GLU A 200 10.16 19.91 40.60
CA GLU A 200 9.05 20.67 41.18
C GLU A 200 7.73 19.92 40.99
N VAL A 201 7.57 19.24 39.86
CA VAL A 201 6.33 18.54 39.56
C VAL A 201 6.42 17.06 39.90
N LYS A 202 7.48 16.63 40.56
CA LYS A 202 7.66 15.24 40.96
C LYS A 202 7.90 14.31 39.77
N PHE A 203 8.45 14.81 38.67
CA PHE A 203 8.87 13.91 37.61
C PHE A 203 10.16 13.19 37.97
N SER A 204 11.09 13.91 38.63
CA SER A 204 12.29 13.30 39.19
C SER A 204 12.53 13.83 40.60
N HIS A 205 13.64 13.40 41.20
CA HIS A 205 13.96 13.75 42.57
C HIS A 205 15.44 14.05 42.74
N LEU A 206 15.74 14.96 43.68
CA LEU A 206 17.13 15.26 44.03
C LEU A 206 17.79 13.92 44.35
N SER A 207 18.90 13.61 43.69
CA SER A 207 19.59 12.34 44.01
C SER A 207 19.92 12.43 45.50
N ASN A 209 19.60 14.66 49.14
CA ASN A 209 20.61 15.37 49.92
C ASN A 209 21.44 16.28 49.00
N MET A 210 21.86 15.74 47.86
CA MET A 210 22.66 16.50 46.90
C MET A 210 21.95 17.81 46.56
N THR A 211 22.55 18.94 46.94
CA THR A 211 21.94 20.25 46.76
C THR A 211 21.37 20.45 45.37
N MET A 212 20.16 21.04 45.29
CA MET A 212 19.52 21.33 44.03
C MET A 212 20.40 22.27 43.24
N GLN A 213 20.99 23.29 43.87
CA GLN A 213 21.90 24.15 43.13
C GLN A 213 23.02 23.37 42.50
N ARG A 214 23.53 22.36 43.20
CA ARG A 214 24.49 21.48 42.54
C ARG A 214 23.83 20.69 41.42
N THR A 215 22.62 20.17 41.69
CA THR A 215 21.85 19.42 40.71
C THR A 215 21.50 20.27 39.49
N MET A 216 21.28 21.56 39.68
CA MET A 216 20.96 22.48 38.61
C MET A 216 22.17 22.66 37.72
N LYS A 217 23.38 22.77 38.30
CA LYS A 217 24.58 22.83 37.46
C LYS A 217 25.08 21.47 36.96
N LEU A 218 24.54 20.37 37.43
CA LEU A 218 24.97 19.13 36.80
C LEU A 218 24.30 18.96 35.46
N TYR A 219 23.05 19.33 35.33
CA TYR A 219 22.44 19.13 34.02
C TYR A 219 22.50 20.38 33.17
N ARG A 220 23.41 21.31 33.42
CA ARG A 220 23.54 22.47 32.52
C ARG A 220 24.30 22.08 31.25
N LEU A 221 23.92 22.68 30.15
CA LEU A 221 24.47 22.35 28.86
C LEU A 221 25.16 23.53 28.19
N PRO A 222 25.93 23.30 27.13
CA PRO A 222 26.47 24.40 26.31
C PRO A 222 25.38 25.26 25.69
N GLU A 223 25.66 26.55 25.46
CA GLU A 223 24.58 27.35 24.86
C GLU A 223 24.37 27.01 23.38
N THR A 224 25.33 26.36 22.73
CA THR A 224 25.22 26.03 21.31
C THR A 224 25.84 24.69 20.99
N PRO A 225 25.39 24.04 19.91
CA PRO A 225 25.86 22.70 19.59
C PRO A 225 27.32 22.70 19.11
N LYS A 226 28.04 21.61 19.40
CA LYS A 226 29.48 21.57 19.03
C LYS A 226 29.74 21.08 17.59
N THR A 227 28.90 20.22 17.00
CA THR A 227 29.19 19.62 15.70
C THR A 227 29.24 20.63 14.54
N ALA A 228 30.16 20.38 13.59
CA ALA A 228 30.39 21.29 12.46
C ALA A 228 29.40 21.07 11.33
N GLY A 229 28.75 22.15 10.90
CA GLY A 229 27.89 22.05 9.75
C GLY A 229 26.58 21.40 10.09
N LEU A 230 26.18 21.49 11.34
CA LEU A 230 24.87 20.99 11.73
C LEU A 230 23.84 22.03 11.35
N ARG A 231 22.79 21.59 10.67
CA ARG A 231 21.74 22.49 10.26
C ARG A 231 20.45 21.71 10.13
N PRO A 232 19.31 22.38 10.09
CA PRO A 232 18.04 21.69 9.93
C PRO A 232 17.98 20.91 8.62
N MET A 233 17.19 19.83 8.65
CA MET A 233 16.98 19.07 7.45
C MET A 233 16.16 19.89 6.48
N GLU A 234 16.49 19.76 5.21
CA GLU A 234 15.82 20.50 4.15
C GLU A 234 15.33 19.49 3.11
N THR A 235 14.50 19.97 2.18
CA THR A 235 14.01 19.13 1.10
C THR A 235 15.15 18.43 0.33
N LYS A 236 16.22 19.18 -0.03
CA LYS A 236 17.32 18.57 -0.76
C LYS A 236 18.03 17.46 0.01
N ASP A 237 17.77 17.31 1.31
CA ASP A 237 18.39 16.27 2.10
C ASP A 237 17.66 14.93 2.05
N ILE A 238 16.40 14.90 1.55
CA ILE A 238 15.56 13.70 1.68
C ILE A 238 16.20 12.43 1.08
N PRO A 239 16.74 12.45 -0.12
CA PRO A 239 17.38 11.23 -0.66
C PRO A 239 18.55 10.83 0.21
N VAL A 240 19.39 11.79 0.59
CA VAL A 240 20.56 11.41 1.36
C VAL A 240 20.15 10.96 2.77
N VAL A 241 19.12 11.58 3.39
CA VAL A 241 18.64 11.03 4.67
C VAL A 241 18.21 9.58 4.46
N HIS A 242 17.36 9.36 3.44
CA HIS A 242 16.85 8.02 3.18
C HIS A 242 18.04 7.07 3.05
N GLN A 243 19.02 7.46 2.25
CA GLN A 243 20.16 6.57 2.05
C GLN A 243 20.78 6.24 3.38
N LEU A 244 21.14 7.28 4.15
CA LEU A 244 21.78 7.08 5.44
C LEU A 244 20.94 6.15 6.32
N LEU A 245 19.63 6.38 6.40
CA LEU A 245 18.85 5.55 7.32
C LEU A 245 18.90 4.08 6.87
N THR A 246 18.67 3.81 5.58
CA THR A 246 18.56 2.43 5.15
C THR A 246 19.81 1.65 5.49
N ARG A 247 20.98 2.18 5.11
CA ARG A 247 22.23 1.46 5.36
C ARG A 247 22.46 1.31 6.85
N TYR A 248 22.15 2.35 7.63
CA TYR A 248 22.39 2.25 9.06
C TYR A 248 21.49 1.20 9.69
N LEU A 249 20.26 1.07 9.20
CA LEU A 249 19.35 0.17 9.90
C LEU A 249 19.70 -1.31 9.65
N LYS A 250 20.71 -1.67 8.82
CA LYS A 250 20.88 -3.10 8.52
C LYS A 250 21.54 -3.88 9.65
N GLN A 251 22.00 -3.24 10.72
CA GLN A 251 22.62 -4.03 11.76
C GLN A 251 21.59 -4.53 12.76
N PHE A 252 20.42 -3.92 12.81
CA PHE A 252 19.40 -4.34 13.75
C PHE A 252 18.52 -5.39 13.07
N HIS A 253 17.70 -6.06 13.90
CA HIS A 253 16.89 -7.19 13.47
C HIS A 253 15.42 -6.87 13.34
N LEU A 254 14.97 -5.72 13.81
CA LEU A 254 13.57 -5.32 13.68
C LEU A 254 13.55 -3.84 13.30
N THR A 255 13.31 -3.57 12.03
CA THR A 255 13.42 -2.23 11.48
C THR A 255 12.26 -1.94 10.53
N PRO A 256 12.03 -0.66 10.26
CA PRO A 256 11.16 -0.29 9.13
C PRO A 256 11.96 -0.22 7.84
N VAL A 257 11.27 -0.40 6.74
CA VAL A 257 11.85 -0.24 5.39
C VAL A 257 11.05 0.89 4.76
N MET A 258 11.52 2.13 4.85
CA MET A 258 10.74 3.27 4.41
C MET A 258 11.14 3.72 3.01
N SER A 259 10.14 3.97 2.17
CA SER A 259 10.38 4.58 0.89
C SER A 259 10.84 6.02 1.09
N GLN A 260 11.37 6.62 0.02
CA GLN A 260 11.79 8.02 0.11
C GLN A 260 10.61 8.90 0.52
N GLU A 261 9.40 8.53 0.09
CA GLU A 261 8.19 9.26 0.50
C GLU A 261 7.96 9.17 2.01
N GLU A 262 8.09 7.97 2.57
CA GLU A 262 7.90 7.85 4.01
C GLU A 262 9.00 8.59 4.76
N VAL A 263 10.21 8.67 4.21
CA VAL A 263 11.27 9.42 4.88
C VAL A 263 10.93 10.90 4.89
N GLU A 264 10.44 11.44 3.75
CA GLU A 264 9.93 12.81 3.78
C GLU A 264 8.93 12.98 4.92
N HIS A 265 7.92 12.11 5.00
CA HIS A 265 6.89 12.30 6.01
C HIS A 265 7.48 12.26 7.41
N TRP A 266 8.31 11.25 7.69
CA TRP A 266 8.73 11.01 9.06
C TRP A 266 9.82 11.98 9.54
N PHE A 267 10.62 12.55 8.66
CA PHE A 267 11.76 13.32 9.15
C PHE A 267 11.78 14.78 8.76
N TYR A 268 11.09 15.18 7.72
CA TYR A 268 11.12 16.57 7.33
C TYR A 268 10.58 17.44 8.47
N PRO A 269 11.30 18.47 8.89
CA PRO A 269 10.91 19.16 10.13
C PRO A 269 9.55 19.81 10.02
N GLN A 270 8.79 19.69 11.11
CA GLN A 270 7.51 20.32 11.30
C GLN A 270 7.57 20.87 12.72
N GLU A 271 7.28 22.15 12.87
CA GLU A 271 7.37 22.77 14.18
C GLU A 271 6.41 22.07 15.14
N ASN A 272 6.91 21.76 16.34
CA ASN A 272 6.15 21.15 17.43
C ASN A 272 5.72 19.70 17.14
N ILE A 273 6.33 19.02 16.15
CA ILE A 273 6.02 17.62 15.87
C ILE A 273 7.34 16.86 15.76
N ILE A 274 8.13 17.19 14.76
CA ILE A 274 9.36 16.46 14.43
C ILE A 274 10.46 17.47 14.16
N ASP A 275 11.66 17.17 14.64
CA ASP A 275 12.82 17.99 14.33
C ASP A 275 13.92 17.09 13.82
N THR A 276 14.58 17.52 12.78
CA THR A 276 15.66 16.74 12.18
C THR A 276 16.81 17.67 11.97
N PHE A 277 18.01 17.21 12.25
CA PHE A 277 19.18 18.02 11.97
C PHE A 277 20.19 17.13 11.27
N VAL A 278 20.74 17.65 10.18
CA VAL A 278 21.70 16.94 9.38
C VAL A 278 23.06 17.59 9.62
N VAL A 279 24.11 16.84 9.32
CA VAL A 279 25.48 17.32 9.35
C VAL A 279 25.98 17.35 7.92
N GLU A 280 26.17 18.56 7.40
CA GLU A 280 26.73 18.79 6.07
C GLU A 280 28.20 19.17 6.23
N ASN A 281 29.13 18.37 5.68
CA ASN A 281 30.53 18.66 5.98
C ASN A 281 31.16 19.62 4.94
N ALA A 282 32.48 19.79 5.03
CA ALA A 282 33.21 20.71 4.17
C ALA A 282 32.99 20.42 2.67
N ASN A 283 32.80 19.16 2.30
CA ASN A 283 32.55 18.82 0.90
C ASN A 283 31.10 19.04 0.50
N GLY A 284 30.28 19.42 1.46
CA GLY A 284 28.86 19.55 1.24
C GLY A 284 28.12 18.26 1.34
N GLU A 285 28.75 17.18 1.80
CA GLU A 285 28.08 15.89 1.89
C GLU A 285 27.49 15.71 3.29
N VAL A 286 26.23 15.32 3.32
CA VAL A 286 25.54 15.03 4.57
C VAL A 286 26.02 13.68 5.03
N THR A 287 26.49 13.62 6.26
CA THR A 287 27.14 12.44 6.77
C THR A 287 26.44 11.85 7.97
N ASP A 288 25.65 12.62 8.70
CA ASP A 288 24.95 12.11 9.87
C ASP A 288 23.71 12.97 10.11
N PHE A 289 22.77 12.43 10.87
CA PHE A 289 21.58 13.20 11.22
C PHE A 289 21.02 12.71 12.54
N LEU A 290 20.38 13.63 13.25
CA LEU A 290 19.69 13.36 14.51
C LEU A 290 18.26 13.85 14.39
N SER A 291 17.35 13.17 15.10
CA SER A 291 15.94 13.53 15.03
C SER A 291 15.28 13.26 16.37
N PHE A 292 14.25 14.06 16.67
CA PHE A 292 13.47 13.88 17.89
C PHE A 292 12.11 14.52 17.70
N TYR A 293 11.08 13.84 18.18
CA TYR A 293 9.72 14.35 18.04
C TYR A 293 9.22 14.90 19.37
N THR A 294 8.13 15.68 19.28
CA THR A 294 7.61 16.51 20.36
C THR A 294 6.36 15.90 20.97
N LEU A 295 6.41 15.54 22.26
CA LEU A 295 5.23 15.00 22.95
C LEU A 295 5.21 15.44 24.39
N PRO A 296 4.42 16.45 24.73
CA PRO A 296 4.30 16.90 26.12
C PRO A 296 3.33 16.02 26.90
N SER A 297 3.52 16.02 28.20
CA SER A 297 2.58 15.36 29.09
C SER A 297 1.86 16.36 29.98
N THR A 298 0.57 16.09 30.19
CA THR A 298 -0.28 16.87 31.06
C THR A 298 0.05 16.41 32.43
N ILE A 299 0.31 17.33 33.33
CA ILE A 299 0.61 17.06 34.70
C ILE A 299 -0.70 17.33 35.41
N MET A 300 -1.14 16.38 36.15
CA MET A 300 -2.46 16.50 36.84
C MET A 300 -2.34 17.03 38.31
N ASN A 301 -3.30 17.92 38.70
CA ASN A 301 -3.51 18.43 40.09
C ASN A 301 -2.34 19.16 40.69
N HIS A 302 -1.61 19.82 39.86
CA HIS A 302 -0.61 20.65 40.28
C HIS A 302 -1.14 21.98 39.84
N PRO A 303 -1.31 22.92 40.79
CA PRO A 303 -1.97 24.16 40.36
C PRO A 303 -1.14 24.99 39.38
N THR A 304 0.14 25.29 39.66
CA THR A 304 0.97 26.12 38.78
C THR A 304 1.76 25.37 37.68
N HIS A 305 1.71 24.03 37.56
CA HIS A 305 2.51 23.31 36.55
C HIS A 305 1.68 22.35 35.70
N LYS A 306 1.35 22.77 34.47
CA LYS A 306 0.33 22.03 33.74
C LYS A 306 0.90 20.95 32.81
N SER A 307 1.94 21.27 32.06
CA SER A 307 2.37 20.33 31.05
C SER A 307 3.87 20.37 30.99
N LEU A 308 4.50 19.20 30.82
CA LEU A 308 5.93 19.12 30.74
C LEU A 308 6.25 18.86 29.25
N LYS A 309 7.15 19.65 28.69
CA LYS A 309 7.52 19.56 27.30
C LYS A 309 8.65 18.53 27.23
N ALA A 310 8.39 17.43 26.54
CA ALA A 310 9.36 16.35 26.45
C ALA A 310 9.72 16.15 25.00
N ALA A 311 11.01 15.92 24.77
CA ALA A 311 11.50 15.55 23.46
C ALA A 311 11.80 14.06 23.50
N TYR A 312 11.40 13.34 22.46
CA TYR A 312 11.60 11.91 22.36
C TYR A 312 12.53 11.65 21.18
N SER A 313 13.67 11.02 21.45
CA SER A 313 14.60 10.71 20.35
C SER A 313 13.94 9.80 19.34
N PHE A 314 14.21 10.02 18.05
CA PHE A 314 13.56 9.28 16.96
C PHE A 314 14.50 8.35 16.22
N TYR A 315 15.13 8.82 15.10
CA TYR A 315 16.19 7.99 14.50
C TYR A 315 17.47 8.81 14.27
N ASN A 316 18.59 8.35 14.84
CA ASN A 316 19.87 9.07 14.83
C ASN A 316 20.92 8.18 14.17
N VAL A 317 21.46 8.62 13.03
CA VAL A 317 22.42 7.84 12.25
C VAL A 317 23.74 8.57 12.22
N HIS A 318 24.82 7.83 12.44
CA HIS A 318 26.17 8.37 12.44
C HIS A 318 27.04 7.54 11.51
N THR A 319 27.73 8.24 10.58
CA THR A 319 28.74 7.62 9.76
C THR A 319 30.11 8.27 9.90
N GLN A 320 30.16 9.53 10.31
CA GLN A 320 31.43 10.21 10.58
C GLN A 320 31.43 10.96 11.90
N THR A 321 30.36 11.69 12.22
CA THR A 321 30.28 12.24 13.55
C THR A 321 30.08 11.10 14.55
N PRO A 322 30.77 11.15 15.68
CA PRO A 322 30.50 10.16 16.73
C PRO A 322 29.08 10.29 17.29
N LEU A 323 28.49 9.12 17.55
CA LEU A 323 27.14 9.09 18.10
C LEU A 323 27.03 9.90 19.37
N LEU A 324 28.01 9.79 20.26
CA LEU A 324 28.00 10.60 21.48
C LEU A 324 27.89 12.09 21.16
N ASP A 325 28.73 12.60 20.26
CA ASP A 325 28.70 14.03 19.95
C ASP A 325 27.39 14.40 19.29
N LEU A 326 26.90 13.54 18.39
CA LEU A 326 25.60 13.75 17.78
C LEU A 326 24.50 13.89 18.83
N MET A 327 24.46 12.97 19.79
CA MET A 327 23.40 13.00 20.81
C MET A 327 23.61 14.15 21.79
N SER A 328 24.86 14.50 22.06
CA SER A 328 25.15 15.71 22.84
C SER A 328 24.52 16.92 22.18
N ASP A 329 24.75 17.09 20.88
CA ASP A 329 24.17 18.24 20.21
C ASP A 329 22.66 18.11 20.18
N ALA A 330 22.13 16.89 20.19
CA ALA A 330 20.68 16.72 20.29
C ALA A 330 20.18 17.31 21.61
N LEU A 331 20.85 16.98 22.72
CA LEU A 331 20.50 17.55 24.01
C LEU A 331 20.53 19.08 23.97
N VAL A 332 21.55 19.62 23.31
CA VAL A 332 21.71 21.08 23.22
C VAL A 332 20.53 21.71 22.48
N LEU A 333 20.20 21.15 21.32
CA LEU A 333 19.09 21.66 20.51
C LEU A 333 17.76 21.60 21.26
N ALA A 334 17.47 20.45 21.87
CA ALA A 334 16.24 20.34 22.66
C ALA A 334 16.18 21.45 23.71
N LYS A 335 17.27 21.58 24.48
CA LYS A 335 17.37 22.64 25.46
C LYS A 335 17.07 24.01 24.91
N MET A 336 17.65 24.33 23.76
CA MET A 336 17.42 25.64 23.18
C MET A 336 15.94 25.82 22.87
N LYS A 337 15.26 24.72 22.55
CA LYS A 337 13.86 24.85 22.13
C LYS A 337 12.85 24.88 23.26
N GLY A 338 13.27 24.71 24.52
CA GLY A 338 12.34 24.81 25.63
C GLY A 338 11.83 23.49 26.14
N PHE A 339 12.51 22.39 25.82
CA PHE A 339 12.14 21.10 26.38
C PHE A 339 12.65 20.98 27.81
N ASP A 340 11.82 20.38 28.65
CA ASP A 340 12.17 20.15 30.04
C ASP A 340 12.93 18.85 30.23
N VAL A 341 12.73 17.90 29.32
CA VAL A 341 13.34 16.58 29.44
C VAL A 341 13.48 15.98 28.05
N PHE A 342 14.51 15.14 27.91
CA PHE A 342 14.83 14.43 26.69
C PHE A 342 14.86 12.93 27.00
N ASN A 343 13.95 12.20 26.39
CA ASN A 343 13.76 10.78 26.60
C ASN A 343 14.37 9.94 25.49
N ALA A 344 14.97 8.82 25.88
CA ALA A 344 15.47 7.87 24.90
C ALA A 344 15.31 6.45 25.42
N LEU A 345 15.01 5.54 24.50
CA LEU A 345 15.01 4.13 24.88
C LEU A 345 16.45 3.62 24.87
N ASP A 346 16.61 2.38 25.34
CA ASP A 346 17.92 1.74 25.36
C ASP A 346 18.13 0.84 24.17
N LEU A 347 17.42 1.09 23.08
CA LEU A 347 17.54 0.24 21.90
C LEU A 347 18.59 0.77 20.93
N MET A 348 18.77 0.02 19.83
CA MET A 348 19.78 0.29 18.79
C MET A 348 21.10 0.44 19.53
N GLU A 349 21.80 1.55 19.42
CA GLU A 349 23.03 1.71 20.17
C GLU A 349 22.90 2.73 21.29
N ASN A 350 21.68 2.97 21.78
CA ASN A 350 21.53 4.07 22.74
C ASN A 350 22.15 3.73 24.09
N LYS A 351 22.38 2.46 24.38
CA LYS A 351 23.09 2.13 25.61
C LYS A 351 24.50 2.73 25.61
N THR A 352 25.12 2.89 24.43
CA THR A 352 26.49 3.34 24.33
C THR A 352 26.66 4.80 24.72
N PHE A 353 25.57 5.54 24.98
CA PHE A 353 25.77 6.94 25.34
C PHE A 353 24.85 7.45 26.43
N LEU A 354 24.01 6.60 27.04
CA LEU A 354 23.02 7.08 27.99
C LEU A 354 23.68 7.64 29.26
N GLU A 355 24.40 6.79 30.03
CA GLU A 355 24.99 7.33 31.26
C GLU A 355 25.89 8.55 30.95
N LYS A 356 26.83 8.40 30.00
CA LYS A 356 27.82 9.45 29.76
C LYS A 356 27.19 10.83 29.53
N LEU A 357 25.96 10.89 29.02
CA LEU A 357 25.31 12.19 28.82
C LEU A 357 24.44 12.57 30.02
N LYS A 358 24.55 11.78 31.09
CA LYS A 358 23.86 11.97 32.37
C LYS A 358 22.32 11.83 32.24
N PHE A 359 21.86 10.79 31.55
CA PHE A 359 20.45 10.38 31.66
C PHE A 359 20.31 9.46 32.88
N GLY A 360 19.12 9.43 33.48
CA GLY A 360 18.78 8.47 34.49
C GLY A 360 17.76 7.48 33.94
N ILE A 361 17.76 6.25 34.46
CA ILE A 361 16.83 5.26 33.94
C ILE A 361 15.42 5.56 34.48
N GLY A 362 14.42 5.21 33.68
CA GLY A 362 13.03 5.39 34.07
C GLY A 362 12.43 4.15 34.71
N ASP A 363 11.18 4.30 35.19
CA ASP A 363 10.47 3.19 35.81
C ASP A 363 9.61 2.38 34.82
N GLY A 364 9.25 2.95 33.67
CA GLY A 364 8.46 2.24 32.67
C GLY A 364 9.28 1.44 31.67
N ASN A 365 8.80 0.23 31.39
CA ASN A 365 9.34 -0.54 30.27
C ASN A 365 8.49 -0.34 29.03
N LEU A 366 9.05 -0.76 27.91
CA LEU A 366 8.35 -0.79 26.64
C LEU A 366 8.58 -2.12 25.92
N GLN A 367 7.51 -2.92 25.85
CA GLN A 367 7.53 -4.21 25.18
C GLN A 367 7.14 -4.03 23.73
N TYR A 368 7.87 -4.71 22.84
CA TYR A 368 7.57 -4.74 21.42
C TYR A 368 6.90 -6.07 21.12
N TYR A 369 5.89 -6.05 20.26
CA TYR A 369 5.15 -7.26 19.96
C TYR A 369 4.91 -7.33 18.47
N LEU A 370 4.96 -8.55 17.95
CA LEU A 370 4.51 -8.84 16.60
C LEU A 370 3.28 -9.73 16.67
N TYR A 371 2.31 -9.42 15.83
CA TYR A 371 1.07 -10.17 15.72
C TYR A 371 1.17 -11.12 14.55
N ASN A 372 0.88 -12.40 14.83
CA ASN A 372 0.86 -13.50 13.87
C ASN A 372 2.24 -13.69 13.25
N TRP A 373 3.30 -13.54 14.04
CA TRP A 373 4.64 -13.82 13.53
C TRP A 373 5.49 -14.47 14.61
N LYS A 374 5.94 -15.67 14.29
CA LYS A 374 6.69 -16.50 15.21
C LYS A 374 8.17 -16.30 14.98
N CYS A 375 8.86 -15.75 15.97
CA CYS A 375 10.30 -15.63 15.84
C CYS A 375 10.90 -15.53 17.23
N PRO A 376 12.22 -15.72 17.31
CA PRO A 376 12.92 -15.56 18.59
C PRO A 376 12.94 -14.10 19.03
N SER A 377 13.04 -13.90 20.33
CA SER A 377 13.18 -12.55 20.85
C SER A 377 14.64 -12.09 20.74
N MET A 378 14.81 -10.78 20.73
CA MET A 378 16.12 -10.16 20.60
C MET A 378 16.34 -9.20 21.75
N GLY A 379 17.62 -8.88 21.99
CA GLY A 379 17.93 -7.87 22.98
C GLY A 379 17.64 -6.46 22.50
N ALA A 380 17.44 -5.57 23.47
CA ALA A 380 17.04 -4.20 23.16
C ALA A 380 17.95 -3.55 22.13
N GLU A 381 19.25 -3.87 22.18
CA GLU A 381 20.22 -3.29 21.24
C GLU A 381 19.95 -3.66 19.80
N LYS A 382 19.26 -4.77 19.55
CA LYS A 382 18.95 -5.22 18.21
C LYS A 382 17.64 -4.68 17.69
N VAL A 383 16.87 -4.01 18.54
CA VAL A 383 15.63 -3.37 18.13
C VAL A 383 15.96 -2.08 17.39
N GLY A 384 15.37 -1.89 16.21
CA GLY A 384 15.65 -0.72 15.39
C GLY A 384 14.41 -0.01 14.89
N LEU A 385 13.40 0.06 15.75
CA LEU A 385 12.11 0.61 15.40
C LEU A 385 11.63 1.50 16.55
N VAL A 386 11.26 2.72 16.20
CA VAL A 386 10.79 3.71 17.14
C VAL A 386 9.38 4.05 16.67
N LEU A 387 8.40 3.66 17.46
CA LEU A 387 7.02 3.93 17.13
C LEU A 387 6.60 5.22 17.80
N GLN A 388 5.53 5.80 17.31
CA GLN A 388 5.01 7.05 17.81
C GLN A 388 4.41 6.98 19.24
N LYS B 2 4.08 5.95 23.80
CA LYS B 2 3.29 4.78 24.23
C LYS B 2 3.39 4.49 25.75
N VAL B 3 4.58 4.51 26.32
CA VAL B 3 4.77 4.28 27.75
C VAL B 3 5.21 5.60 28.35
N LEU B 4 4.50 6.08 29.36
CA LEU B 4 4.86 7.36 29.97
C LEU B 4 5.75 7.00 31.16
N SER B 5 7.02 6.74 30.89
CA SER B 5 7.94 6.38 31.97
C SER B 5 8.35 7.68 32.67
N LYS B 6 9.06 7.58 33.81
CA LYS B 6 9.64 8.77 34.49
C LYS B 6 10.89 8.34 35.28
N ILE B 7 11.53 9.27 36.03
CA ILE B 7 12.81 8.93 36.69
C ILE B 7 12.60 7.96 37.84
N PHE B 8 13.35 6.86 37.79
CA PHE B 8 13.40 5.85 38.81
C PHE B 8 14.56 6.05 39.76
N SER C 8 17.80 -0.68 -33.59
CA SER C 8 17.87 -1.51 -32.38
C SER C 8 17.02 -0.87 -31.26
N TYR C 9 17.14 -1.41 -30.04
CA TYR C 9 16.36 -0.90 -28.90
C TYR C 9 17.18 0.12 -28.10
N GLN C 10 17.32 1.36 -28.61
CA GLN C 10 18.15 2.33 -27.88
C GLN C 10 17.59 2.63 -26.47
N PHE C 11 16.25 2.68 -26.29
CA PHE C 11 15.68 2.95 -24.95
C PHE C 11 15.76 1.72 -24.06
N TRP C 12 15.19 0.60 -24.52
CA TRP C 12 15.13 -0.57 -23.66
C TRP C 12 16.49 -1.23 -23.43
N ASP C 13 17.54 -0.78 -24.08
CA ASP C 13 18.86 -1.30 -23.69
C ASP C 13 19.43 -0.64 -22.46
N THR C 14 18.83 0.43 -22.01
CA THR C 14 19.27 1.09 -20.79
C THR C 14 18.49 0.64 -19.58
N GLN C 15 17.56 -0.27 -19.74
CA GLN C 15 16.65 -0.64 -18.68
C GLN C 15 17.01 -1.98 -18.05
N PRO C 16 16.57 -2.20 -16.82
CA PRO C 16 16.74 -3.50 -16.14
C PRO C 16 15.73 -4.55 -16.63
N VAL C 17 15.86 -4.93 -17.89
CA VAL C 17 15.05 -6.01 -18.45
C VAL C 17 15.99 -6.98 -19.15
N PRO C 18 15.66 -8.26 -19.28
CA PRO C 18 16.55 -9.14 -20.02
C PRO C 18 16.50 -8.82 -21.51
N LYS C 19 17.58 -9.20 -22.18
CA LYS C 19 17.75 -8.92 -23.59
C LYS C 19 16.81 -9.82 -24.38
N LEU C 20 16.49 -9.42 -25.62
CA LEU C 20 15.57 -10.22 -26.40
C LEU C 20 16.01 -11.65 -26.62
N GLY C 21 17.30 -11.88 -26.74
CA GLY C 21 17.73 -13.24 -27.01
C GLY C 21 18.11 -14.09 -25.84
N GLU C 22 18.50 -13.55 -24.68
CA GLU C 22 19.05 -14.40 -23.64
C GLU C 22 18.02 -15.38 -23.08
N VAL C 23 18.45 -16.68 -22.88
CA VAL C 23 17.66 -17.70 -22.16
C VAL C 23 17.88 -17.45 -20.67
N VAL C 24 16.86 -17.65 -19.84
CA VAL C 24 16.98 -17.34 -18.41
C VAL C 24 17.01 -18.65 -17.62
N ASN C 25 17.85 -18.68 -16.60
CA ASN C 25 17.99 -19.78 -15.68
C ASN C 25 17.85 -19.33 -14.22
N THR C 26 17.73 -18.03 -13.98
CA THR C 26 17.69 -17.48 -12.64
C THR C 26 16.31 -16.95 -12.27
N HIS C 27 16.18 -16.66 -10.97
CA HIS C 27 15.03 -15.95 -10.41
C HIS C 27 15.53 -14.80 -9.57
N GLY C 28 15.05 -13.58 -9.84
CA GLY C 28 15.40 -12.45 -9.04
C GLY C 28 15.37 -11.12 -9.75
N PRO C 29 15.68 -10.06 -9.01
CA PRO C 29 15.70 -8.73 -9.61
C PRO C 29 16.87 -8.61 -10.57
N VAL C 30 16.74 -7.67 -11.50
CA VAL C 30 17.84 -7.40 -12.41
C VAL C 30 18.86 -6.51 -11.72
N GLU C 31 18.37 -5.47 -11.04
CA GLU C 31 19.16 -4.53 -10.29
C GLU C 31 18.59 -4.39 -8.87
N PRO C 32 19.41 -3.97 -7.92
CA PRO C 32 18.95 -3.85 -6.53
C PRO C 32 18.00 -2.69 -6.35
N ASP C 33 17.25 -2.76 -5.26
CA ASP C 33 16.42 -1.63 -4.86
C ASP C 33 17.32 -0.43 -4.59
N LYS C 34 16.86 0.75 -4.99
CA LYS C 34 17.63 1.98 -4.93
C LYS C 34 17.39 2.66 -3.60
N ASP C 35 18.46 3.06 -2.94
CA ASP C 35 18.28 3.80 -1.70
C ASP C 35 18.23 5.32 -1.88
N ASN C 36 18.42 5.86 -3.08
CA ASN C 36 18.08 7.28 -3.27
C ASN C 36 17.45 7.45 -4.64
N ILE C 37 16.39 8.23 -4.73
CA ILE C 37 15.63 8.29 -5.97
C ILE C 37 15.62 9.74 -6.40
N ARG C 38 15.79 9.95 -7.70
CA ARG C 38 15.75 11.29 -8.27
C ARG C 38 14.48 11.98 -7.83
N GLN C 39 14.63 13.14 -7.24
CA GLN C 39 13.50 13.90 -6.77
C GLN C 39 12.92 14.77 -7.85
N GLU C 40 13.65 14.94 -8.90
CA GLU C 40 13.26 15.90 -9.93
C GLU C 40 12.51 15.17 -11.03
N PRO C 41 11.42 15.75 -11.53
CA PRO C 41 10.83 15.17 -12.74
C PRO C 41 11.79 15.30 -13.89
N TYR C 42 11.70 14.34 -14.78
CA TYR C 42 12.45 14.32 -16.00
C TYR C 42 12.06 15.49 -16.89
N THR C 43 12.90 15.71 -17.90
CA THR C 43 12.72 16.81 -18.82
C THR C 43 11.76 16.47 -19.94
N LEU C 44 10.79 17.31 -20.09
CA LEU C 44 9.93 17.20 -21.24
C LEU C 44 10.46 18.17 -22.28
N PRO C 45 10.30 17.87 -23.55
CA PRO C 45 10.79 18.80 -24.56
C PRO C 45 10.14 20.15 -24.44
N GLN C 46 10.85 21.10 -24.99
CA GLN C 46 10.46 22.46 -24.83
C GLN C 46 8.99 22.64 -25.16
N GLY C 47 8.23 23.14 -24.20
CA GLY C 47 6.82 23.42 -24.39
C GLY C 47 5.84 22.47 -23.73
N PHE C 48 6.30 21.49 -22.94
CA PHE C 48 5.39 20.59 -22.25
C PHE C 48 5.73 20.46 -20.78
N THR C 49 4.70 20.19 -19.98
CA THR C 49 4.87 20.06 -18.53
C THR C 49 4.18 18.78 -18.09
N TRP C 50 4.59 18.29 -16.92
CA TRP C 50 3.94 17.14 -16.30
C TRP C 50 2.69 17.58 -15.55
N ASP C 51 1.76 16.63 -15.38
CA ASP C 51 0.60 16.87 -14.55
C ASP C 51 0.11 15.55 -13.98
N ALA C 52 -0.12 15.50 -12.66
CA ALA C 52 -0.83 14.38 -12.06
C ALA C 52 -2.33 14.59 -12.19
N LEU C 53 -3.03 13.66 -12.84
CA LEU C 53 -4.44 13.85 -13.12
C LEU C 53 -5.30 13.36 -11.95
N ASP C 54 -6.10 14.27 -11.39
CA ASP C 54 -7.06 13.92 -10.35
C ASP C 54 -8.38 13.52 -10.99
N LEU C 55 -8.64 12.20 -11.06
CA LEU C 55 -9.80 11.74 -11.81
C LEU C 55 -11.13 12.01 -11.12
N GLY C 56 -11.13 12.39 -9.85
CA GLY C 56 -12.37 12.82 -9.23
C GLY C 56 -12.96 14.03 -9.93
N ASP C 57 -12.12 14.85 -10.55
CA ASP C 57 -12.62 15.97 -11.35
C ASP C 57 -13.14 15.44 -12.68
N ARG C 58 -14.43 15.64 -12.94
CA ARG C 58 -15.04 15.17 -14.17
C ARG C 58 -14.42 15.85 -15.39
N GLY C 59 -13.93 17.09 -15.24
CA GLY C 59 -13.29 17.76 -16.37
C GLY C 59 -11.98 17.11 -16.78
N VAL C 60 -11.11 16.81 -15.81
CA VAL C 60 -9.88 16.13 -16.18
C VAL C 60 -10.19 14.71 -16.61
N LEU C 61 -11.16 14.06 -15.97
CA LEU C 61 -11.55 12.72 -16.39
C LEU C 61 -11.97 12.72 -17.85
N LYS C 62 -12.82 13.66 -18.25
CA LYS C 62 -13.21 13.75 -19.65
C LYS C 62 -12.01 14.05 -20.53
N GLU C 63 -11.18 15.04 -20.16
CA GLU C 63 -9.99 15.34 -20.95
C GLU C 63 -9.21 14.06 -21.19
N LEU C 64 -9.05 13.26 -20.13
CA LEU C 64 -8.37 11.97 -20.20
C LEU C 64 -9.10 11.00 -21.11
N TYR C 65 -10.43 11.01 -21.05
CA TYR C 65 -11.24 10.19 -21.93
C TYR C 65 -11.13 10.64 -23.38
N THR C 66 -11.19 11.94 -23.65
CA THR C 66 -11.11 12.46 -25.01
C THR C 66 -9.76 12.10 -25.60
N LEU C 67 -8.71 12.25 -24.78
CA LEU C 67 -7.36 11.89 -25.19
C LEU C 67 -7.22 10.40 -25.53
N LEU C 68 -7.78 9.51 -24.70
CA LEU C 68 -7.64 8.08 -25.01
C LEU C 68 -8.51 7.67 -26.20
N ASN C 69 -9.73 8.20 -26.25
CA ASN C 69 -10.65 7.92 -27.33
C ASN C 69 -10.10 8.36 -28.67
N GLU C 70 -9.31 9.42 -28.68
CA GLU C 70 -8.81 9.91 -29.95
C GLU C 70 -7.42 9.38 -30.28
N ASN C 71 -6.63 8.96 -29.29
CA ASN C 71 -5.26 8.61 -29.60
C ASN C 71 -4.77 7.26 -29.08
N TYR C 72 -5.63 6.42 -28.53
CA TYR C 72 -5.17 5.16 -27.94
C TYR C 72 -5.23 4.04 -28.98
N VAL C 73 -5.10 2.79 -28.51
CA VAL C 73 -4.69 1.68 -29.36
C VAL C 73 -5.67 1.43 -30.49
N GLU C 74 -5.12 1.23 -31.68
CA GLU C 74 -5.86 0.80 -32.86
C GLU C 74 -5.38 -0.58 -33.29
N ASP C 75 -6.21 -1.24 -34.08
CA ASP C 75 -5.86 -2.52 -34.66
C ASP C 75 -5.00 -2.39 -35.91
N ASP C 76 -4.68 -3.58 -36.44
CA ASP C 76 -3.83 -3.80 -37.60
C ASP C 76 -4.12 -2.91 -38.78
N ASP C 77 -5.40 -2.75 -39.09
CA ASP C 77 -5.82 -2.05 -40.30
C ASP C 77 -6.42 -0.69 -39.97
N ASN C 78 -6.09 -0.17 -38.79
CA ASN C 78 -6.53 1.16 -38.36
C ASN C 78 -8.04 1.31 -38.55
N MET C 79 -8.80 0.26 -38.18
CA MET C 79 -10.25 0.29 -38.33
C MET C 79 -11.01 0.50 -37.03
N PHE C 80 -10.47 0.08 -35.90
CA PHE C 80 -11.17 0.20 -34.63
C PHE C 80 -10.22 0.79 -33.61
N ARG C 81 -10.79 1.45 -32.63
CA ARG C 81 -9.97 2.03 -31.56
C ARG C 81 -10.68 1.80 -30.25
N PHE C 82 -9.96 1.52 -29.17
CA PHE C 82 -10.65 1.37 -27.90
C PHE C 82 -11.44 2.63 -27.58
N ASP C 83 -12.59 2.45 -26.94
CA ASP C 83 -13.43 3.54 -26.48
C ASP C 83 -13.76 3.26 -25.01
N TYR C 84 -12.72 3.32 -24.18
CA TYR C 84 -12.87 3.25 -22.74
C TYR C 84 -13.72 4.42 -22.29
N SER C 85 -14.70 4.18 -21.44
CA SER C 85 -15.58 5.23 -20.94
C SER C 85 -15.03 5.80 -19.63
N PRO C 86 -15.55 6.97 -19.23
CA PRO C 86 -15.14 7.55 -17.93
C PRO C 86 -15.26 6.59 -16.76
N GLU C 87 -16.40 5.90 -16.64
CA GLU C 87 -16.63 5.02 -15.51
C GLU C 87 -15.71 3.80 -15.55
N PHE C 88 -15.44 3.28 -16.75
CA PHE C 88 -14.47 2.20 -16.87
C PHE C 88 -13.08 2.65 -16.44
N LEU C 89 -12.66 3.85 -16.85
CA LEU C 89 -11.33 4.35 -16.49
C LEU C 89 -11.23 4.60 -14.99
N LEU C 90 -12.32 5.02 -14.36
CA LEU C 90 -12.36 5.14 -12.91
C LEU C 90 -12.21 3.77 -12.24
N TRP C 91 -12.85 2.75 -12.80
CA TRP C 91 -12.69 1.40 -12.26
C TRP C 91 -11.27 0.87 -12.44
N ALA C 92 -10.63 1.15 -13.58
CA ALA C 92 -9.30 0.61 -13.83
C ALA C 92 -8.20 1.43 -13.16
N LEU C 93 -8.40 2.72 -12.92
CA LEU C 93 -7.34 3.59 -12.44
C LEU C 93 -7.49 3.99 -10.98
N ARG C 94 -8.53 3.50 -10.30
CA ARG C 94 -8.74 3.76 -8.88
C ARG C 94 -9.01 2.50 -8.09
N PRO C 95 -8.27 1.42 -8.30
CA PRO C 95 -8.41 0.29 -7.41
C PRO C 95 -7.83 0.67 -6.07
N PRO C 96 -8.07 -0.13 -5.04
CA PRO C 96 -7.53 0.18 -3.72
C PRO C 96 -6.03 0.46 -3.74
N GLY C 97 -5.62 1.54 -3.07
CA GLY C 97 -4.22 1.91 -3.04
C GLY C 97 -3.72 2.76 -4.19
N TRP C 98 -4.64 3.27 -5.02
CA TRP C 98 -4.27 4.14 -6.13
C TRP C 98 -3.77 5.50 -5.64
N LEU C 99 -2.93 6.13 -6.47
CA LEU C 99 -2.29 7.41 -6.18
C LEU C 99 -2.53 8.39 -7.32
N PRO C 100 -2.89 9.62 -7.03
CA PRO C 100 -3.03 10.61 -8.11
C PRO C 100 -1.71 10.86 -8.82
N GLN C 101 -0.60 10.74 -8.09
CA GLN C 101 0.68 10.96 -8.72
C GLN C 101 0.97 9.88 -9.77
N TRP C 102 0.38 8.69 -9.66
CA TRP C 102 0.58 7.67 -10.68
C TRP C 102 -0.38 7.80 -11.87
N HIS C 103 -1.20 8.83 -11.91
CA HIS C 103 -2.00 9.16 -13.09
C HIS C 103 -1.25 10.27 -13.84
N CYS C 104 -0.19 9.86 -14.54
CA CYS C 104 0.84 10.78 -15.02
C CYS C 104 0.55 11.24 -16.43
N GLY C 105 0.01 12.46 -16.57
CA GLY C 105 -0.28 13.03 -17.85
C GLY C 105 0.72 14.11 -18.25
N VAL C 106 0.72 14.42 -19.55
CA VAL C 106 1.56 15.49 -20.10
C VAL C 106 0.65 16.52 -20.76
N ARG C 107 0.85 17.79 -20.41
CA ARG C 107 0.06 18.88 -20.99
C ARG C 107 0.98 19.84 -21.75
N VAL C 108 0.38 20.54 -22.70
CA VAL C 108 1.07 21.62 -23.40
C VAL C 108 1.11 22.84 -22.49
N VAL C 109 2.30 23.39 -22.30
CA VAL C 109 2.51 24.46 -21.32
C VAL C 109 1.62 25.65 -21.63
N SER C 110 1.52 26.05 -22.89
CA SER C 110 0.76 27.25 -23.24
C SER C 110 -0.74 27.05 -23.01
N SER C 111 -1.32 26.01 -23.64
CA SER C 111 -2.77 25.81 -23.65
C SER C 111 -3.24 24.76 -22.64
N ARG C 112 -2.33 24.03 -22.02
CA ARG C 112 -2.63 23.03 -21.03
C ARG C 112 -3.41 21.84 -21.57
N LYS C 113 -3.54 21.72 -22.88
CA LYS C 113 -4.24 20.59 -23.47
C LYS C 113 -3.54 19.29 -23.15
N LEU C 114 -4.32 18.26 -22.86
CA LEU C 114 -3.76 16.96 -22.50
C LEU C 114 -3.28 16.25 -23.78
N VAL C 115 -1.99 15.91 -23.80
CA VAL C 115 -1.37 15.28 -24.97
C VAL C 115 -0.58 14.04 -24.59
N GLY C 116 -0.49 13.68 -23.32
CA GLY C 116 0.25 12.48 -22.97
C GLY C 116 -0.29 11.83 -21.72
N PHE C 117 -0.02 10.55 -21.58
CA PHE C 117 -0.43 9.87 -20.35
C PHE C 117 0.30 8.55 -20.18
N ILE C 118 0.45 8.16 -18.92
CA ILE C 118 0.91 6.85 -18.55
C ILE C 118 0.37 6.62 -17.14
N SER C 119 0.08 5.37 -16.80
CA SER C 119 -0.47 5.13 -15.49
C SER C 119 0.13 3.89 -14.88
N ALA C 120 0.09 3.88 -13.56
CA ALA C 120 0.47 2.68 -12.78
C ALA C 120 -0.53 2.50 -11.66
N ILE C 121 -0.80 1.24 -11.33
CA ILE C 121 -1.61 0.95 -10.12
C ILE C 121 -0.93 -0.14 -9.30
N PRO C 122 -1.05 -0.13 -7.99
CA PRO C 122 -0.34 -1.13 -7.18
C PRO C 122 -0.96 -2.51 -7.32
N ALA C 123 -0.13 -3.54 -7.18
CA ALA C 123 -0.64 -4.90 -7.30
C ALA C 123 0.33 -5.90 -6.71
N ASN C 124 -0.17 -6.75 -5.82
CA ASN C 124 0.62 -7.85 -5.28
C ASN C 124 0.71 -8.88 -6.39
N ILE C 125 1.89 -9.22 -6.86
CA ILE C 125 2.01 -10.15 -7.96
C ILE C 125 2.74 -11.40 -7.43
N HIS C 126 2.27 -12.59 -7.80
CA HIS C 126 2.92 -13.81 -7.49
C HIS C 126 3.51 -14.31 -8.79
N ILE C 127 4.79 -14.62 -8.83
CA ILE C 127 5.50 -15.09 -10.02
C ILE C 127 6.40 -16.26 -9.59
N TYR C 128 6.11 -17.45 -10.12
CA TYR C 128 6.79 -18.68 -9.65
C TYR C 128 6.78 -18.67 -8.12
N ASP C 129 7.91 -18.54 -7.45
CA ASP C 129 7.87 -18.68 -6.01
C ASP C 129 7.93 -17.40 -5.24
N THR C 130 7.73 -16.29 -5.90
CA THR C 130 7.90 -15.04 -5.21
C THR C 130 6.60 -14.28 -5.23
N GLU C 131 6.26 -13.73 -4.08
CA GLU C 131 5.22 -12.73 -4.00
C GLU C 131 5.96 -11.41 -3.80
N LYS C 132 5.73 -10.47 -4.69
CA LYS C 132 6.36 -9.16 -4.59
C LYS C 132 5.34 -8.09 -4.90
N LYS C 133 5.45 -6.99 -4.17
CA LYS C 133 4.71 -5.78 -4.48
C LYS C 133 5.19 -5.21 -5.80
N MET C 134 4.29 -5.07 -6.77
CA MET C 134 4.63 -4.49 -8.05
C MET C 134 3.62 -3.41 -8.38
N VAL C 135 3.74 -2.86 -9.58
CA VAL C 135 2.70 -2.05 -10.18
C VAL C 135 2.35 -2.67 -11.53
N GLU C 136 1.12 -2.39 -11.97
CA GLU C 136 0.66 -2.68 -13.32
C GLU C 136 0.65 -1.38 -14.11
N ILE C 137 1.20 -1.41 -15.31
CA ILE C 137 1.33 -0.21 -16.14
C ILE C 137 0.39 -0.32 -17.33
N ASN C 138 -0.44 0.71 -17.48
CA ASN C 138 -1.47 0.71 -18.52
C ASN C 138 -1.71 2.14 -19.02
N PHE C 139 -2.38 2.23 -20.17
CA PHE C 139 -2.80 3.47 -20.81
C PHE C 139 -1.67 4.41 -21.24
N LEU C 140 -0.49 3.90 -21.55
CA LEU C 140 0.51 4.77 -22.16
C LEU C 140 0.00 5.34 -23.47
N CYS C 141 -0.22 6.65 -23.54
CA CYS C 141 -0.84 7.27 -24.70
C CYS C 141 -0.16 8.59 -25.00
N VAL C 142 0.23 8.81 -26.24
CA VAL C 142 0.72 10.13 -26.61
C VAL C 142 -0.08 10.57 -27.82
N HIS C 143 -0.50 11.83 -27.81
CA HIS C 143 -1.23 12.40 -28.93
C HIS C 143 -0.52 12.18 -30.27
N LYS C 144 -1.32 11.85 -31.30
CA LYS C 144 -0.76 11.51 -32.62
C LYS C 144 0.18 12.56 -33.19
N LYS C 145 -0.17 13.84 -33.01
CA LYS C 145 0.72 14.88 -33.49
C LYS C 145 2.05 14.87 -32.78
N LEU C 146 2.21 14.06 -31.75
CA LEU C 146 3.41 14.07 -30.92
C LEU C 146 4.15 12.76 -30.90
N ARG C 147 3.97 11.93 -31.92
CA ARG C 147 4.64 10.64 -31.93
C ARG C 147 6.07 10.75 -32.48
N SER C 148 6.75 9.60 -32.42
CA SER C 148 8.08 9.36 -33.01
C SER C 148 9.12 10.38 -32.57
N LYS C 149 8.98 10.94 -31.35
CA LYS C 149 9.94 11.89 -30.89
C LYS C 149 10.28 11.76 -29.40
N ARG C 150 10.27 10.55 -28.89
CA ARG C 150 10.80 10.27 -27.55
C ARG C 150 9.93 10.77 -26.40
N VAL C 151 8.61 10.83 -26.52
CA VAL C 151 7.84 11.14 -25.32
C VAL C 151 7.48 9.88 -24.54
N ALA C 152 7.29 8.76 -25.22
CA ALA C 152 6.98 7.54 -24.49
C ALA C 152 8.12 7.15 -23.56
N PRO C 153 9.39 7.22 -23.96
CA PRO C 153 10.45 6.88 -23.01
C PRO C 153 10.48 7.77 -21.80
N VAL C 154 10.20 9.05 -21.99
CA VAL C 154 10.18 9.98 -20.87
C VAL C 154 9.01 9.65 -19.96
N LEU C 155 7.86 9.32 -20.53
CA LEU C 155 6.73 8.88 -19.72
C LEU C 155 7.13 7.66 -18.89
N ILE C 156 7.81 6.71 -19.51
CA ILE C 156 8.19 5.50 -18.80
C ILE C 156 9.15 5.82 -17.66
N ARG C 157 10.18 6.65 -17.92
CA ARG C 157 11.12 7.01 -16.87
C ARG C 157 10.49 7.82 -15.76
N GLU C 158 9.52 8.68 -16.08
CA GLU C 158 8.88 9.48 -15.05
C GLU C 158 7.98 8.63 -14.17
N ILE C 159 7.21 7.71 -14.77
CA ILE C 159 6.39 6.83 -13.96
C ILE C 159 7.29 5.88 -13.17
N THR C 160 8.40 5.42 -13.77
CA THR C 160 9.33 4.58 -13.04
C THR C 160 9.87 5.31 -11.82
N ARG C 161 10.25 6.57 -12.01
CA ARG C 161 10.73 7.37 -10.89
C ARG C 161 9.67 7.51 -9.81
N ARG C 162 8.44 7.82 -10.22
CA ARG C 162 7.37 8.02 -9.26
C ARG C 162 7.02 6.73 -8.53
N VAL C 163 7.15 5.58 -9.18
CA VAL C 163 6.98 4.32 -8.48
C VAL C 163 8.11 4.09 -7.48
N HIS C 164 9.35 4.38 -7.90
CA HIS C 164 10.49 4.24 -7.00
C HIS C 164 10.34 5.07 -5.73
N LEU C 165 9.76 6.27 -5.86
CA LEU C 165 9.62 7.14 -4.69
C LEU C 165 8.75 6.51 -3.61
N GLU C 166 7.84 5.63 -4.00
CA GLU C 166 6.98 4.89 -3.10
C GLU C 166 7.58 3.56 -2.69
N GLY C 167 8.80 3.26 -3.10
CA GLY C 167 9.49 2.09 -2.61
C GLY C 167 9.22 0.81 -3.37
N ILE C 168 8.62 0.88 -4.55
CA ILE C 168 8.31 -0.29 -5.37
C ILE C 168 9.27 -0.32 -6.55
N PHE C 169 9.83 -1.50 -6.83
CA PHE C 169 10.90 -1.64 -7.81
C PHE C 169 10.64 -2.70 -8.88
N GLN C 170 9.43 -3.23 -8.99
CA GLN C 170 9.10 -4.17 -10.04
C GLN C 170 7.78 -3.79 -10.69
N ALA C 171 7.61 -4.17 -11.96
CA ALA C 171 6.33 -3.88 -12.60
C ALA C 171 5.90 -4.99 -13.54
N VAL C 172 4.60 -4.96 -13.88
CA VAL C 172 3.98 -5.87 -14.83
C VAL C 172 3.22 -5.05 -15.85
N TYR C 173 3.27 -5.48 -17.10
CA TYR C 173 2.55 -4.74 -18.13
C TYR C 173 2.43 -5.61 -19.37
N THR C 174 1.46 -5.31 -20.21
CA THR C 174 1.33 -6.04 -21.46
C THR C 174 1.51 -5.06 -22.62
N ALA C 175 1.74 -5.62 -23.80
CA ALA C 175 1.89 -4.81 -24.99
C ALA C 175 1.60 -5.64 -26.22
N GLY C 176 1.11 -4.99 -27.27
CA GLY C 176 0.94 -5.69 -28.53
C GLY C 176 2.21 -5.90 -29.31
N VAL C 177 3.28 -5.23 -28.90
CA VAL C 177 4.53 -5.25 -29.64
C VAL C 177 5.53 -6.12 -28.90
N VAL C 178 6.47 -6.69 -29.66
CA VAL C 178 7.53 -7.48 -29.05
C VAL C 178 8.60 -6.57 -28.52
N LEU C 179 8.84 -6.63 -27.22
CA LEU C 179 9.90 -5.88 -26.58
C LEU C 179 10.87 -6.84 -25.90
N PRO C 180 11.91 -6.33 -25.30
CA PRO C 180 12.72 -7.17 -24.40
C PRO C 180 12.14 -7.07 -22.99
N LYS C 181 11.83 -8.18 -22.32
CA LYS C 181 11.72 -9.50 -22.92
C LYS C 181 10.39 -10.15 -22.45
N PRO C 182 9.59 -10.66 -23.37
CA PRO C 182 8.27 -11.18 -22.98
C PRO C 182 8.45 -12.31 -21.97
N VAL C 183 7.75 -12.22 -20.83
CA VAL C 183 7.70 -13.38 -19.93
C VAL C 183 6.72 -14.43 -20.44
N GLY C 184 5.78 -14.03 -21.30
CA GLY C 184 4.92 -14.97 -21.98
C GLY C 184 4.19 -14.31 -23.12
N THR C 185 3.85 -15.10 -24.13
CA THR C 185 3.14 -14.60 -25.30
C THR C 185 1.78 -15.27 -25.35
N CYS C 186 0.72 -14.46 -25.36
CA CYS C 186 -0.65 -14.92 -25.49
C CYS C 186 -1.26 -14.41 -26.78
N ARG C 187 -2.43 -14.97 -27.10
CA ARG C 187 -3.14 -14.69 -28.34
C ARG C 187 -4.63 -14.47 -28.09
N TYR C 188 -5.20 -13.45 -28.73
CA TYR C 188 -6.63 -13.18 -28.64
C TYR C 188 -7.44 -14.06 -29.61
N TRP C 189 -8.51 -14.62 -29.09
CA TRP C 189 -9.54 -15.36 -29.80
C TRP C 189 -10.86 -14.64 -29.59
N HIS C 190 -11.74 -14.73 -30.60
CA HIS C 190 -13.02 -14.02 -30.62
C HIS C 190 -14.16 -14.96 -30.91
N ARG C 191 -15.27 -14.78 -30.22
CA ARG C 191 -16.46 -15.59 -30.46
C ARG C 191 -17.54 -14.65 -30.95
N SER C 192 -18.08 -14.90 -32.12
CA SER C 192 -19.01 -13.90 -32.65
C SER C 192 -20.36 -14.05 -31.99
N LEU C 193 -20.98 -12.95 -31.66
CA LEU C 193 -22.31 -13.00 -31.09
C LEU C 193 -23.38 -12.45 -32.02
N ASN C 194 -23.07 -11.34 -32.69
CA ASN C 194 -23.90 -10.72 -33.71
C ASN C 194 -23.16 -10.69 -35.04
N PRO C 195 -23.15 -11.80 -35.77
CA PRO C 195 -22.34 -11.84 -37.01
C PRO C 195 -22.77 -10.88 -38.11
N ARG C 196 -24.06 -10.52 -38.22
CA ARG C 196 -24.47 -9.53 -39.22
C ARG C 196 -23.62 -8.27 -39.10
N LYS C 197 -23.55 -7.71 -37.91
CA LYS C 197 -22.83 -6.47 -37.68
C LYS C 197 -21.33 -6.70 -37.83
N LEU C 198 -20.86 -7.83 -37.39
CA LEU C 198 -19.47 -8.12 -37.42
C LEU C 198 -18.90 -8.24 -38.80
N ILE C 199 -19.58 -8.90 -39.68
CA ILE C 199 -19.11 -8.97 -41.06
C ILE C 199 -19.32 -7.64 -41.75
N GLU C 200 -20.43 -6.95 -41.45
CA GLU C 200 -20.72 -5.68 -42.13
C GLU C 200 -19.64 -4.61 -41.85
N VAL C 201 -19.07 -4.58 -40.66
CA VAL C 201 -18.07 -3.57 -40.34
C VAL C 201 -16.63 -4.10 -40.47
N LYS C 202 -16.46 -5.27 -41.09
CA LYS C 202 -15.13 -5.86 -41.36
C LYS C 202 -14.37 -6.24 -40.08
N PHE C 203 -15.06 -6.58 -38.98
CA PHE C 203 -14.37 -7.21 -37.84
C PHE C 203 -14.08 -8.64 -38.20
N SER C 204 -15.01 -9.24 -38.95
CA SER C 204 -14.84 -10.57 -39.54
C SER C 204 -15.21 -10.54 -41.01
N HIS C 205 -15.17 -11.71 -41.63
CA HIS C 205 -15.48 -11.92 -43.03
C HIS C 205 -16.24 -13.23 -43.19
N LEU C 206 -17.08 -13.33 -44.23
CA LEU C 206 -17.74 -14.62 -44.50
C LEU C 206 -16.62 -15.63 -44.74
N SER C 207 -16.34 -16.61 -43.87
CA SER C 207 -15.37 -17.62 -44.26
C SER C 207 -15.94 -18.37 -45.46
N ARG C 208 -15.14 -18.61 -46.49
CA ARG C 208 -15.77 -18.92 -47.76
C ARG C 208 -16.43 -20.29 -47.80
N ASN C 209 -17.14 -20.50 -48.93
CA ASN C 209 -18.00 -21.64 -49.13
C ASN C 209 -19.06 -21.68 -48.02
N MET C 210 -19.69 -20.51 -47.77
CA MET C 210 -20.70 -20.30 -46.73
C MET C 210 -21.45 -18.98 -46.94
N THR C 211 -22.73 -18.92 -46.48
CA THR C 211 -23.63 -17.76 -46.61
C THR C 211 -23.75 -16.94 -45.30
N MET C 212 -24.37 -15.74 -45.40
CA MET C 212 -24.71 -14.99 -44.19
C MET C 212 -25.72 -15.78 -43.35
N GLN C 213 -26.82 -16.24 -43.96
CA GLN C 213 -27.81 -17.02 -43.20
C GLN C 213 -27.17 -18.28 -42.59
N ARG C 214 -26.35 -19.01 -43.36
CA ARG C 214 -25.70 -20.18 -42.75
C ARG C 214 -24.79 -19.72 -41.59
N THR C 215 -24.03 -18.63 -41.80
CA THR C 215 -23.13 -18.12 -40.77
C THR C 215 -23.89 -17.82 -39.49
N MET C 216 -25.05 -17.20 -39.60
CA MET C 216 -25.82 -16.78 -38.44
C MET C 216 -26.34 -17.96 -37.65
N LYS C 217 -26.66 -19.03 -38.35
CA LYS C 217 -27.08 -20.26 -37.68
C LYS C 217 -25.91 -20.98 -37.04
N LEU C 218 -24.69 -20.62 -37.42
CA LEU C 218 -23.54 -21.20 -36.77
C LEU C 218 -23.37 -20.65 -35.36
N TYR C 219 -23.54 -19.35 -35.23
CA TYR C 219 -23.38 -18.67 -33.96
C TYR C 219 -24.70 -18.50 -33.25
N ARG C 220 -25.70 -19.31 -33.59
CA ARG C 220 -26.96 -19.16 -32.88
C ARG C 220 -26.73 -19.62 -31.46
N LEU C 221 -27.30 -18.91 -30.51
CA LEU C 221 -27.17 -19.33 -29.12
C LEU C 221 -28.50 -19.45 -28.41
N PRO C 222 -28.54 -20.23 -27.35
CA PRO C 222 -29.72 -20.29 -26.48
C PRO C 222 -29.97 -18.97 -25.78
N GLU C 223 -31.23 -18.68 -25.47
CA GLU C 223 -31.60 -17.39 -24.89
C GLU C 223 -31.48 -17.31 -23.35
N THR C 224 -31.27 -18.43 -22.65
CA THR C 224 -31.04 -18.49 -21.19
C THR C 224 -29.97 -19.52 -20.90
N PRO C 225 -29.19 -19.39 -19.83
CA PRO C 225 -28.01 -20.25 -19.60
C PRO C 225 -28.34 -21.71 -19.22
N LYS C 226 -27.33 -22.59 -19.33
CA LYS C 226 -27.51 -24.02 -18.97
C LYS C 226 -27.37 -24.33 -17.48
N THR C 227 -26.41 -23.69 -16.77
CA THR C 227 -26.04 -24.10 -15.42
C THR C 227 -27.10 -23.79 -14.38
N ALA C 228 -27.21 -24.72 -13.44
CA ALA C 228 -28.14 -24.69 -12.32
C ALA C 228 -27.61 -23.81 -11.20
N GLY C 229 -28.37 -22.77 -10.85
CA GLY C 229 -28.00 -21.88 -9.77
C GLY C 229 -27.08 -20.75 -10.14
N LEU C 230 -27.16 -20.24 -11.38
CA LEU C 230 -26.37 -19.07 -11.82
C LEU C 230 -27.09 -17.81 -11.42
N ARG C 231 -26.39 -16.86 -10.85
CA ARG C 231 -27.05 -15.61 -10.53
C ARG C 231 -26.02 -14.51 -10.46
N PRO C 232 -26.43 -13.26 -10.51
CA PRO C 232 -25.47 -12.17 -10.37
C PRO C 232 -24.75 -12.32 -9.04
N MET C 233 -23.47 -11.90 -9.02
CA MET C 233 -22.73 -11.88 -7.77
C MET C 233 -23.30 -10.78 -6.90
N GLU C 234 -23.36 -11.04 -5.60
CA GLU C 234 -23.94 -10.12 -4.64
C GLU C 234 -22.91 -9.82 -3.57
N THR C 235 -23.22 -8.83 -2.74
CA THR C 235 -22.30 -8.43 -1.69
C THR C 235 -21.87 -9.62 -0.84
N LYS C 236 -22.85 -10.46 -0.45
CA LYS C 236 -22.62 -11.60 0.42
C LYS C 236 -21.65 -12.60 -0.17
N ASP C 237 -21.38 -12.51 -1.46
CA ASP C 237 -20.49 -13.42 -2.15
C ASP C 237 -19.01 -12.99 -2.19
N ILE C 238 -18.69 -11.77 -1.69
CA ILE C 238 -17.28 -11.30 -1.83
C ILE C 238 -16.31 -12.27 -1.16
N PRO C 239 -16.58 -12.79 0.04
CA PRO C 239 -15.62 -13.77 0.60
C PRO C 239 -15.41 -15.03 -0.24
N VAL C 240 -16.47 -15.73 -0.68
CA VAL C 240 -16.29 -17.01 -1.40
C VAL C 240 -15.66 -16.80 -2.77
N VAL C 241 -16.05 -15.75 -3.48
CA VAL C 241 -15.35 -15.45 -4.73
C VAL C 241 -13.86 -15.33 -4.47
N HIS C 242 -13.52 -14.49 -3.49
CA HIS C 242 -12.13 -14.30 -3.14
C HIS C 242 -11.48 -15.64 -2.84
N GLN C 243 -12.16 -16.46 -2.02
CA GLN C 243 -11.63 -17.78 -1.72
C GLN C 243 -11.42 -18.55 -3.01
N LEU C 244 -12.50 -18.66 -3.79
CA LEU C 244 -12.43 -19.42 -5.03
C LEU C 244 -11.25 -18.94 -5.84
N LEU C 245 -11.15 -17.64 -6.04
CA LEU C 245 -10.12 -17.13 -6.93
C LEU C 245 -8.76 -17.50 -6.38
N THR C 246 -8.56 -17.26 -5.08
CA THR C 246 -7.26 -17.51 -4.48
C THR C 246 -6.85 -18.95 -4.67
N ARG C 247 -7.75 -19.89 -4.44
CA ARG C 247 -7.35 -21.29 -4.60
C ARG C 247 -7.19 -21.60 -6.08
N TYR C 248 -8.11 -21.09 -6.89
CA TYR C 248 -8.08 -21.46 -8.31
C TYR C 248 -6.80 -20.95 -8.97
N LEU C 249 -6.33 -19.77 -8.57
CA LEU C 249 -5.15 -19.20 -9.21
C LEU C 249 -3.85 -19.85 -8.80
N LYS C 250 -3.85 -20.79 -7.85
CA LYS C 250 -2.54 -21.28 -7.44
C LYS C 250 -1.87 -22.22 -8.44
N GLN C 251 -2.56 -22.62 -9.51
CA GLN C 251 -1.94 -23.54 -10.46
C GLN C 251 -1.02 -22.86 -11.46
N PHE C 252 -1.28 -21.59 -11.74
CA PHE C 252 -0.53 -20.84 -12.74
C PHE C 252 0.70 -20.21 -12.11
N HIS C 253 1.58 -19.70 -12.97
CA HIS C 253 2.87 -19.20 -12.55
C HIS C 253 2.94 -17.69 -12.46
N LEU C 254 1.95 -16.97 -12.98
CA LEU C 254 1.92 -15.51 -12.88
C LEU C 254 0.49 -15.08 -12.55
N THR C 255 0.27 -14.71 -11.31
CA THR C 255 -1.09 -14.44 -10.87
C THR C 255 -1.11 -13.20 -9.98
N PRO C 256 -2.28 -12.59 -9.85
CA PRO C 256 -2.48 -11.55 -8.84
C PRO C 256 -2.83 -12.14 -7.50
N VAL C 257 -2.53 -11.38 -6.45
CA VAL C 257 -2.87 -11.75 -5.08
C VAL C 257 -3.77 -10.66 -4.51
N MET C 258 -5.07 -10.89 -4.54
CA MET C 258 -6.03 -9.88 -4.15
C MET C 258 -6.46 -10.08 -2.72
N SER C 259 -6.55 -8.96 -1.99
CA SER C 259 -7.27 -8.92 -0.73
C SER C 259 -8.77 -8.92 -1.03
N GLN C 260 -9.57 -9.14 0.02
CA GLN C 260 -11.02 -9.15 -0.17
C GLN C 260 -11.52 -7.83 -0.74
N GLU C 261 -10.87 -6.72 -0.39
CA GLU C 261 -11.26 -5.43 -0.94
C GLU C 261 -11.03 -5.37 -2.44
N GLU C 262 -9.84 -5.80 -2.88
CA GLU C 262 -9.56 -5.77 -4.30
C GLU C 262 -10.56 -6.62 -5.06
N VAL C 263 -11.08 -7.66 -4.41
CA VAL C 263 -12.10 -8.50 -5.02
C VAL C 263 -13.42 -7.75 -5.14
N GLU C 264 -13.87 -7.10 -4.07
CA GLU C 264 -15.04 -6.22 -4.22
C GLU C 264 -14.84 -5.29 -5.42
N HIS C 265 -13.68 -4.63 -5.49
CA HIS C 265 -13.46 -3.65 -6.54
C HIS C 265 -13.43 -4.29 -7.93
N TRP C 266 -12.67 -5.38 -8.10
CA TRP C 266 -12.43 -5.96 -9.42
C TRP C 266 -13.59 -6.81 -9.93
N PHE C 267 -14.44 -7.32 -9.03
CA PHE C 267 -15.47 -8.25 -9.44
C PHE C 267 -16.91 -7.85 -9.10
N TYR C 268 -17.15 -6.99 -8.14
CA TYR C 268 -18.53 -6.64 -7.85
C TYR C 268 -19.16 -5.99 -9.08
N PRO C 269 -20.37 -6.38 -9.48
CA PRO C 269 -20.91 -5.91 -10.78
C PRO C 269 -21.18 -4.42 -10.85
N GLN C 270 -20.91 -3.85 -12.04
CA GLN C 270 -21.19 -2.45 -12.37
C GLN C 270 -21.71 -2.33 -13.80
N GLU C 271 -22.75 -1.52 -13.97
CA GLU C 271 -23.31 -1.34 -15.30
C GLU C 271 -22.21 -0.82 -16.21
N ASN C 272 -22.08 -1.44 -17.39
CA ASN C 272 -21.15 -1.12 -18.49
C ASN C 272 -19.68 -1.36 -18.21
N ILE C 273 -19.33 -2.01 -17.11
CA ILE C 273 -17.92 -2.11 -16.73
C ILE C 273 -17.56 -3.58 -16.48
N ILE C 274 -18.09 -4.15 -15.43
CA ILE C 274 -17.73 -5.50 -15.04
C ILE C 274 -19.01 -6.25 -14.73
N ASP C 275 -19.08 -7.51 -15.13
CA ASP C 275 -20.20 -8.36 -14.77
C ASP C 275 -19.66 -9.67 -14.24
N THR C 276 -20.23 -10.12 -13.12
CA THR C 276 -19.82 -11.33 -12.44
C THR C 276 -21.04 -12.20 -12.20
N PHE C 277 -20.91 -13.48 -12.46
CA PHE C 277 -22.00 -14.40 -12.15
C PHE C 277 -21.46 -15.57 -11.35
N VAL C 278 -22.15 -15.87 -10.26
CA VAL C 278 -21.75 -16.92 -9.35
C VAL C 278 -22.69 -18.10 -9.54
N VAL C 279 -22.23 -19.26 -9.11
CA VAL C 279 -23.02 -20.48 -9.13
C VAL C 279 -23.28 -20.90 -7.70
N GLU C 280 -24.52 -20.80 -7.28
CA GLU C 280 -24.94 -21.28 -5.97
C GLU C 280 -25.72 -22.58 -6.16
N ASN C 281 -25.21 -23.69 -5.60
CA ASN C 281 -25.74 -25.01 -5.84
C ASN C 281 -26.92 -25.34 -4.91
N ALA C 282 -27.41 -26.58 -5.00
CA ALA C 282 -28.53 -27.01 -4.15
C ALA C 282 -28.25 -26.76 -2.67
N ASN C 283 -27.00 -26.97 -2.25
CA ASN C 283 -26.65 -26.79 -0.84
C ASN C 283 -26.53 -25.32 -0.43
N GLY C 284 -26.52 -24.39 -1.38
CA GLY C 284 -26.35 -23.00 -1.04
C GLY C 284 -24.91 -22.51 -0.99
N GLU C 285 -23.97 -23.30 -1.43
CA GLU C 285 -22.58 -22.95 -1.44
C GLU C 285 -22.26 -22.39 -2.81
N VAL C 286 -21.55 -21.23 -2.89
CA VAL C 286 -21.09 -20.78 -4.20
C VAL C 286 -19.87 -21.65 -4.57
N THR C 287 -19.89 -22.17 -5.79
CA THR C 287 -18.86 -23.08 -6.18
C THR C 287 -18.09 -22.67 -7.41
N ASP C 288 -18.62 -21.82 -8.27
CA ASP C 288 -17.93 -21.36 -9.48
C ASP C 288 -18.36 -19.94 -9.75
N PHE C 289 -17.62 -19.26 -10.59
CA PHE C 289 -18.06 -17.94 -10.98
C PHE C 289 -17.41 -17.60 -12.34
N LEU C 290 -18.07 -16.69 -13.02
CA LEU C 290 -17.56 -16.19 -14.25
C LEU C 290 -17.55 -14.67 -14.15
N SER C 291 -16.69 -14.09 -14.98
CA SER C 291 -16.46 -12.68 -15.01
C SER C 291 -16.20 -12.26 -16.44
N PHE C 292 -16.65 -11.03 -16.79
CA PHE C 292 -16.36 -10.47 -18.12
C PHE C 292 -16.65 -8.96 -18.15
N TYR C 293 -15.72 -8.15 -18.70
CA TYR C 293 -15.87 -6.70 -18.64
C TYR C 293 -16.22 -6.09 -20.00
N THR C 294 -16.65 -4.81 -19.96
CA THR C 294 -17.20 -4.07 -21.11
C THR C 294 -16.22 -3.00 -21.63
N LEU C 295 -15.74 -3.20 -22.86
CA LEU C 295 -14.81 -2.26 -23.50
C LEU C 295 -15.20 -2.21 -24.97
N PRO C 296 -15.91 -1.18 -25.41
CA PRO C 296 -16.28 -1.06 -26.83
C PRO C 296 -15.18 -0.33 -27.60
N SER C 297 -14.99 -0.65 -28.87
CA SER C 297 -13.97 0.02 -29.71
C SER C 297 -14.73 0.89 -30.74
N THR C 298 -14.30 2.16 -30.93
CA THR C 298 -14.87 3.04 -31.97
C THR C 298 -14.63 2.45 -33.35
N ILE C 299 -15.65 2.47 -34.21
CA ILE C 299 -15.50 2.04 -35.61
C ILE C 299 -15.17 3.29 -36.40
N MET C 300 -13.98 3.29 -36.99
CA MET C 300 -13.51 4.46 -37.71
C MET C 300 -14.17 4.42 -39.07
N ASN C 301 -14.57 5.59 -39.56
CA ASN C 301 -15.12 5.72 -40.89
C ASN C 301 -16.41 4.91 -40.97
N LYS C 306 -21.68 2.40 -35.62
CA LYS C 306 -20.74 3.40 -35.14
C LYS C 306 -19.83 2.90 -34.02
N SER C 307 -20.24 1.83 -33.30
CA SER C 307 -19.48 1.40 -32.13
C SER C 307 -19.54 -0.11 -31.91
N LEU C 308 -18.49 -0.88 -32.21
CA LEU C 308 -18.54 -2.31 -31.89
C LEU C 308 -18.55 -2.49 -30.35
N LYS C 309 -19.48 -3.28 -29.81
CA LYS C 309 -19.60 -3.54 -28.36
C LYS C 309 -18.89 -4.85 -28.04
N ALA C 310 -17.88 -4.83 -27.17
CA ALA C 310 -17.16 -6.06 -26.91
C ALA C 310 -17.11 -6.40 -25.43
N ALA C 311 -17.23 -7.70 -25.15
CA ALA C 311 -17.08 -8.24 -23.78
C ALA C 311 -15.78 -9.04 -23.69
N TYR C 312 -15.02 -8.86 -22.62
CA TYR C 312 -13.70 -9.49 -22.47
C TYR C 312 -13.67 -10.43 -21.28
N SER C 313 -13.34 -11.72 -21.52
CA SER C 313 -13.24 -12.66 -20.39
C SER C 313 -12.20 -12.15 -19.40
N PHE C 314 -12.54 -12.23 -18.13
CA PHE C 314 -11.71 -11.67 -17.08
C PHE C 314 -11.21 -12.85 -16.27
N TYR C 315 -11.89 -13.28 -15.21
CA TYR C 315 -11.51 -14.45 -14.45
C TYR C 315 -12.69 -15.40 -14.33
N ASN C 316 -12.46 -16.66 -14.64
CA ASN C 316 -13.50 -17.67 -14.59
C ASN C 316 -12.99 -18.84 -13.79
N VAL C 317 -13.66 -19.10 -12.69
CA VAL C 317 -13.24 -20.08 -11.72
C VAL C 317 -14.26 -21.20 -11.74
N HIS C 318 -13.79 -22.42 -11.86
CA HIS C 318 -14.67 -23.59 -11.86
C HIS C 318 -14.15 -24.61 -10.85
N THR C 319 -15.04 -25.10 -9.98
CA THR C 319 -14.76 -26.23 -9.10
C THR C 319 -15.77 -27.36 -9.21
N GLN C 320 -16.96 -27.11 -9.72
CA GLN C 320 -17.97 -28.16 -9.88
C GLN C 320 -18.67 -28.14 -11.23
N THR C 321 -19.01 -26.96 -11.71
CA THR C 321 -19.49 -26.83 -13.07
C THR C 321 -18.32 -26.98 -14.03
N PRO C 322 -18.47 -27.71 -15.12
CA PRO C 322 -17.39 -27.77 -16.10
C PRO C 322 -17.15 -26.41 -16.73
N LEU C 323 -15.87 -26.06 -16.88
CA LEU C 323 -15.50 -24.78 -17.48
C LEU C 323 -16.20 -24.62 -18.82
N LEU C 324 -16.31 -25.72 -19.55
CA LEU C 324 -17.03 -25.70 -20.82
C LEU C 324 -18.42 -25.08 -20.66
N ASP C 325 -19.21 -25.57 -19.70
CA ASP C 325 -20.55 -25.02 -19.49
C ASP C 325 -20.50 -23.58 -18.98
N LEU C 326 -19.59 -23.30 -18.06
CA LEU C 326 -19.42 -21.95 -17.54
C LEU C 326 -19.20 -20.95 -18.67
N MET C 327 -18.31 -21.27 -19.61
CA MET C 327 -18.03 -20.32 -20.67
C MET C 327 -19.17 -20.25 -21.67
N SER C 328 -19.84 -21.39 -21.93
CA SER C 328 -21.04 -21.35 -22.76
C SER C 328 -22.04 -20.36 -22.18
N ASP C 329 -22.31 -20.47 -20.86
CA ASP C 329 -23.25 -19.56 -20.23
C ASP C 329 -22.74 -18.14 -20.26
N ALA C 330 -21.42 -17.97 -20.26
CA ALA C 330 -20.85 -16.63 -20.42
C ALA C 330 -21.22 -16.06 -21.78
N LEU C 331 -21.06 -16.86 -22.83
CA LEU C 331 -21.49 -16.46 -24.18
C LEU C 331 -22.96 -16.09 -24.20
N VAL C 332 -23.80 -16.88 -23.52
CA VAL C 332 -25.23 -16.58 -23.49
C VAL C 332 -25.48 -15.26 -22.79
N LEU C 333 -24.84 -15.04 -21.64
CA LEU C 333 -25.04 -13.81 -20.89
C LEU C 333 -24.60 -12.59 -21.69
N ALA C 334 -23.41 -12.66 -22.30
CA ALA C 334 -22.97 -11.57 -23.17
C ALA C 334 -23.96 -11.34 -24.29
N LYS C 335 -24.35 -12.41 -25.00
CA LYS C 335 -25.34 -12.30 -26.06
C LYS C 335 -26.59 -11.57 -25.55
N MET C 336 -27.08 -11.98 -24.38
CA MET C 336 -28.26 -11.36 -23.81
C MET C 336 -28.06 -9.89 -23.46
N LYS C 337 -26.86 -9.48 -23.13
CA LYS C 337 -26.65 -8.09 -22.73
C LYS C 337 -26.42 -7.12 -23.91
N GLY C 338 -26.41 -7.61 -25.14
CA GLY C 338 -26.34 -6.75 -26.32
C GLY C 338 -24.94 -6.58 -26.89
N PHE C 339 -24.01 -7.45 -26.51
CA PHE C 339 -22.65 -7.47 -27.04
C PHE C 339 -22.57 -8.12 -28.42
N ASP C 340 -21.69 -7.56 -29.26
CA ASP C 340 -21.47 -8.08 -30.61
C ASP C 340 -20.40 -9.17 -30.68
N VAL C 341 -19.44 -9.18 -29.75
CA VAL C 341 -18.36 -10.16 -29.79
C VAL C 341 -17.83 -10.39 -28.39
N PHE C 342 -17.33 -11.61 -28.18
CA PHE C 342 -16.80 -12.06 -26.90
C PHE C 342 -15.33 -12.43 -27.11
N ASN C 343 -14.42 -11.65 -26.54
CA ASN C 343 -12.99 -11.87 -26.72
C ASN C 343 -12.39 -12.50 -25.47
N ALA C 344 -11.68 -13.63 -25.64
CA ALA C 344 -10.97 -14.30 -24.54
C ALA C 344 -9.53 -14.53 -25.01
N LEU C 345 -8.56 -14.42 -24.12
CA LEU C 345 -7.17 -14.71 -24.52
C LEU C 345 -6.99 -16.24 -24.51
N ASP C 346 -5.80 -16.72 -24.81
CA ASP C 346 -5.58 -18.15 -24.68
C ASP C 346 -4.80 -18.53 -23.42
N LEU C 347 -4.84 -17.73 -22.36
CA LEU C 347 -4.06 -18.06 -21.16
C LEU C 347 -4.92 -18.91 -20.20
N MET C 348 -4.34 -19.31 -19.06
CA MET C 348 -4.98 -20.21 -18.04
C MET C 348 -5.55 -21.43 -18.71
N GLU C 349 -6.82 -21.81 -18.49
CA GLU C 349 -7.34 -23.03 -19.05
C GLU C 349 -8.20 -22.77 -20.28
N ASN C 350 -8.02 -21.61 -20.91
CA ASN C 350 -8.89 -21.21 -22.00
C ASN C 350 -8.69 -22.04 -23.27
N LYS C 351 -7.54 -22.70 -23.44
CA LYS C 351 -7.33 -23.46 -24.66
C LYS C 351 -8.29 -24.64 -24.78
N THR C 352 -8.77 -25.15 -23.63
CA THR C 352 -9.66 -26.30 -23.60
C THR C 352 -11.08 -25.97 -24.05
N PHE C 353 -11.42 -24.70 -24.29
CA PHE C 353 -12.76 -24.40 -24.72
C PHE C 353 -12.88 -23.44 -25.89
N LEU C 354 -11.76 -22.91 -26.41
CA LEU C 354 -11.84 -21.89 -27.46
C LEU C 354 -12.40 -22.49 -28.74
N GLU C 355 -11.77 -23.56 -29.23
CA GLU C 355 -12.29 -24.23 -30.42
C GLU C 355 -13.71 -24.74 -30.20
N LYS C 356 -13.92 -25.52 -29.14
CA LYS C 356 -15.22 -26.14 -28.88
C LYS C 356 -16.37 -25.15 -28.80
N LEU C 357 -16.14 -23.97 -28.28
CA LEU C 357 -17.19 -22.97 -28.18
C LEU C 357 -17.27 -22.07 -29.40
N LYS C 358 -16.54 -22.41 -30.46
CA LYS C 358 -16.49 -21.70 -31.74
C LYS C 358 -15.94 -20.28 -31.67
N PHE C 359 -14.85 -20.10 -30.92
CA PHE C 359 -14.09 -18.85 -31.06
C PHE C 359 -13.23 -18.87 -32.29
N GLY C 360 -12.93 -17.70 -32.83
CA GLY C 360 -11.97 -17.54 -33.89
C GLY C 360 -10.68 -16.93 -33.36
N ILE C 361 -9.57 -17.21 -34.02
CA ILE C 361 -8.32 -16.62 -33.60
C ILE C 361 -8.21 -15.20 -34.15
N GLY C 362 -7.59 -14.31 -33.40
CA GLY C 362 -7.36 -12.96 -33.86
C GLY C 362 -5.98 -12.82 -34.47
N ASP C 363 -5.72 -11.64 -35.05
CA ASP C 363 -4.37 -11.34 -35.52
C ASP C 363 -3.51 -10.75 -34.43
N GLY C 364 -4.08 -10.12 -33.41
CA GLY C 364 -3.25 -9.49 -32.36
C GLY C 364 -2.76 -10.45 -31.29
N ASN C 365 -1.45 -10.36 -31.01
CA ASN C 365 -0.79 -11.04 -29.89
C ASN C 365 -0.82 -10.14 -28.67
N LEU C 366 -0.61 -10.72 -27.50
CA LEU C 366 -0.48 -9.91 -26.29
C LEU C 366 0.74 -10.42 -25.53
N GLN C 367 1.79 -9.60 -25.49
CA GLN C 367 3.00 -9.99 -24.78
C GLN C 367 2.92 -9.50 -23.35
N TYR C 368 3.31 -10.35 -22.41
CA TYR C 368 3.38 -10.00 -21.00
C TYR C 368 4.85 -9.71 -20.66
N TYR C 369 5.07 -8.68 -19.84
CA TYR C 369 6.41 -8.29 -19.50
C TYR C 369 6.49 -7.99 -18.01
N LEU C 370 7.65 -8.31 -17.46
CA LEU C 370 8.03 -7.86 -16.14
C LEU C 370 9.20 -6.90 -16.25
N TYR C 371 9.11 -5.84 -15.45
CA TYR C 371 10.14 -4.85 -15.31
C TYR C 371 10.94 -5.14 -14.06
N ASN C 372 12.27 -5.20 -14.23
CA ASN C 372 13.24 -5.43 -13.17
C ASN C 372 13.02 -6.78 -12.48
N TRP C 373 12.66 -7.79 -13.26
CA TRP C 373 12.55 -9.13 -12.73
C TRP C 373 12.97 -10.16 -13.78
N LYS C 374 13.98 -10.94 -13.45
CA LYS C 374 14.51 -11.97 -14.32
C LYS C 374 13.87 -13.28 -13.96
N CYS C 375 13.28 -13.98 -14.93
CA CYS C 375 12.74 -15.31 -14.63
C CYS C 375 12.54 -16.10 -15.93
N PRO C 376 12.31 -17.40 -15.81
CA PRO C 376 11.97 -18.20 -17.00
C PRO C 376 10.63 -17.78 -17.63
N SER C 377 10.56 -17.88 -18.96
CA SER C 377 9.30 -17.57 -19.63
C SER C 377 8.36 -18.77 -19.51
N MET C 378 7.07 -18.51 -19.61
CA MET C 378 6.09 -19.56 -19.47
C MET C 378 5.27 -19.64 -20.75
N GLY C 379 4.60 -20.79 -20.95
CA GLY C 379 3.66 -20.89 -22.03
C GLY C 379 2.34 -20.20 -21.66
N ALA C 380 1.55 -19.80 -22.67
CA ALA C 380 0.33 -19.04 -22.34
C ALA C 380 -0.53 -19.73 -21.28
N GLU C 381 -0.57 -21.08 -21.24
CA GLU C 381 -1.43 -21.75 -20.27
C GLU C 381 -1.10 -21.42 -18.79
N LYS C 382 0.15 -21.03 -18.46
CA LYS C 382 0.51 -20.72 -17.08
C LYS C 382 0.36 -19.24 -16.71
N VAL C 383 0.10 -18.38 -17.69
CA VAL C 383 -0.15 -16.98 -17.36
C VAL C 383 -1.54 -16.88 -16.75
N GLY C 384 -1.63 -16.23 -15.59
CA GLY C 384 -2.90 -16.18 -14.88
C GLY C 384 -3.34 -14.78 -14.50
N LEU C 385 -3.12 -13.83 -15.40
CA LEU C 385 -3.32 -12.41 -15.14
C LEU C 385 -4.02 -11.75 -16.33
N VAL C 386 -5.10 -11.03 -16.05
CA VAL C 386 -5.92 -10.34 -17.06
C VAL C 386 -5.98 -8.87 -16.66
N LEU C 387 -5.43 -8.02 -17.52
CA LEU C 387 -5.39 -6.57 -17.34
C LEU C 387 -6.38 -5.92 -18.29
N GLN C 388 -6.90 -4.75 -17.90
CA GLN C 388 -7.85 -4.02 -18.74
C GLN C 388 -7.15 -3.44 -19.97
CA GLY D 1 -7.31 -5.24 -23.37
C GLY D 1 -5.95 -5.08 -24.01
N LYS D 2 -5.49 -3.82 -24.13
CA LYS D 2 -4.19 -3.38 -24.73
C LYS D 2 -4.04 -3.67 -26.24
N VAL D 3 -4.33 -4.89 -26.71
CA VAL D 3 -4.17 -5.22 -28.11
C VAL D 3 -5.52 -5.18 -28.71
N LEU D 4 -5.70 -4.34 -29.72
CA LEU D 4 -7.03 -4.22 -30.31
C LEU D 4 -7.07 -5.25 -31.40
N SER D 5 -7.55 -6.41 -31.07
CA SER D 5 -7.59 -7.45 -32.08
C SER D 5 -8.96 -7.59 -32.72
N LYS D 6 -8.97 -8.34 -33.82
CA LYS D 6 -10.15 -8.72 -34.58
C LYS D 6 -9.91 -10.11 -35.15
N ILE D 7 -10.91 -10.62 -35.86
CA ILE D 7 -10.87 -11.98 -36.39
C ILE D 7 -9.74 -12.09 -37.39
N PHE D 8 -8.92 -13.11 -37.24
CA PHE D 8 -7.86 -13.30 -38.21
C PHE D 8 -8.55 -14.09 -39.32
#